data_8XDA
#
_entry.id   8XDA
#
loop_
_entity.id
_entity.type
_entity.pdbx_description
1 polymer 'Urea transporter 2'
2 non-polymer UREA
3 water water
#
_entity_poly.entity_id   1
_entity_poly.type   'polypeptide(L)'
_entity_poly.pdbx_seq_one_letter_code
;MEESSEIKVETNISKTSWIRSSMAASGKRVSKALSYITGEMKECGEGLKDKSPVFQFFDWVLRGTSQVMFVNNPLSGILI
ILGLFIQNPWWAISGCLGTIMSTLTALILSQDKSAIAAGFHGYNGVLVGLLMAVFSDKGDYYWWLLLPVIIMSMSCPILS
SALGTIFSKWDLPVFTLPFNITVTLYLAATGHYNLFFPTTLLQPASAMPNITWSEVQVPLLLRAIPVGIGQVYGCDNPWT
GGIFLIALFISSPLICLHAAIGSTMGMLAALTIATPFDSIYFGLCGFNSTLACIAIGGMFYVITWQTHLLAIACALFAAY
LGAALANMLSVFGLPPCTWPFCLSALTFLLLTTNNPAIYKLPLSKVTYPEANRIYYLSQERNRRASIITKYQAYDVS
;
_entity_poly.pdbx_strand_id   A,B,C
#
# COMPACT_ATOMS: atom_id res chain seq x y z
N SER A 52 -38.98 -20.11 4.20
CA SER A 52 -38.90 -20.13 2.74
C SER A 52 -37.62 -19.46 2.27
N PRO A 53 -37.01 -20.00 1.22
CA PRO A 53 -35.74 -19.43 0.74
C PRO A 53 -35.84 -17.97 0.35
N VAL A 54 -36.95 -17.54 -0.25
CA VAL A 54 -37.06 -16.17 -0.73
C VAL A 54 -37.10 -15.19 0.43
N PHE A 55 -37.96 -15.47 1.43
CA PHE A 55 -38.05 -14.58 2.58
C PHE A 55 -36.77 -14.59 3.40
N GLN A 56 -36.13 -15.76 3.53
CA GLN A 56 -34.85 -15.82 4.22
C GLN A 56 -33.80 -14.99 3.50
N PHE A 57 -33.76 -15.07 2.17
CA PHE A 57 -32.78 -14.28 1.41
C PHE A 57 -33.04 -12.80 1.55
N PHE A 58 -34.31 -12.40 1.54
CA PHE A 58 -34.61 -10.98 1.69
C PHE A 58 -34.31 -10.50 3.10
N ASP A 59 -34.48 -11.35 4.11
CA ASP A 59 -34.02 -11.03 5.46
C ASP A 59 -32.51 -10.83 5.47
N TRP A 60 -31.78 -11.69 4.77
CA TRP A 60 -30.33 -11.55 4.70
C TRP A 60 -29.93 -10.23 4.04
N VAL A 61 -30.60 -9.86 2.95
CA VAL A 61 -30.23 -8.61 2.28
C VAL A 61 -30.59 -7.40 3.13
N LEU A 62 -31.70 -7.46 3.88
CA LEU A 62 -32.03 -6.38 4.80
C LEU A 62 -30.97 -6.25 5.89
N ARG A 63 -30.53 -7.39 6.44
CA ARG A 63 -29.50 -7.35 7.47
C ARG A 63 -28.19 -6.81 6.90
N GLY A 64 -27.87 -7.17 5.65
CA GLY A 64 -26.70 -6.61 5.01
C GLY A 64 -26.80 -5.11 4.84
N THR A 65 -27.96 -4.62 4.40
CA THR A 65 -28.15 -3.18 4.26
C THR A 65 -27.94 -2.48 5.59
N SER A 66 -28.42 -3.07 6.69
CA SER A 66 -28.24 -2.45 7.99
C SER A 66 -26.81 -2.55 8.48
N GLN A 67 -26.12 -3.64 8.15
CA GLN A 67 -24.76 -3.89 8.68
C GLN A 67 -23.66 -2.87 8.38
N VAL A 68 -23.92 -1.97 7.44
CA VAL A 68 -22.90 -0.97 7.14
C VAL A 68 -22.56 -0.17 8.38
N MET A 69 -23.57 0.11 9.21
CA MET A 69 -23.38 0.82 10.47
C MET A 69 -23.37 -0.11 11.67
N PHE A 70 -22.86 -1.31 11.53
CA PHE A 70 -22.72 -2.24 12.62
C PHE A 70 -23.96 -2.80 13.25
N VAL A 71 -25.14 -2.43 12.80
CA VAL A 71 -26.42 -2.96 13.28
C VAL A 71 -26.98 -4.11 12.44
N ASN A 72 -27.43 -5.21 13.02
CA ASN A 72 -27.97 -6.39 12.30
C ASN A 72 -29.47 -6.49 12.15
N ASN A 73 -30.28 -5.68 12.79
CA ASN A 73 -31.70 -5.86 12.74
C ASN A 73 -32.24 -5.67 11.36
N PRO A 74 -33.23 -6.46 10.94
CA PRO A 74 -33.88 -6.30 9.66
C PRO A 74 -34.74 -5.03 9.56
N LEU A 75 -35.49 -4.63 10.57
CA LEU A 75 -36.23 -3.38 10.61
C LEU A 75 -35.30 -2.19 10.35
N SER A 76 -34.09 -2.24 10.90
CA SER A 76 -33.10 -1.21 10.59
C SER A 76 -32.76 -1.22 9.10
N GLY A 77 -32.67 -2.40 8.49
CA GLY A 77 -32.43 -2.47 7.06
C GLY A 77 -33.56 -1.86 6.25
N ILE A 78 -34.80 -2.11 6.66
CA ILE A 78 -35.95 -1.51 5.98
C ILE A 78 -35.90 0.00 6.09
N LEU A 79 -35.56 0.51 7.28
CA LEU A 79 -35.49 1.96 7.45
C LEU A 79 -34.36 2.57 6.62
N ILE A 80 -33.20 1.90 6.56
CA ILE A 80 -32.10 2.39 5.73
C ILE A 80 -32.51 2.42 4.27
N ILE A 81 -33.18 1.36 3.81
CA ILE A 81 -33.62 1.29 2.41
C ILE A 81 -34.65 2.37 2.13
N LEU A 82 -35.56 2.62 3.06
CA LEU A 82 -36.53 3.69 2.88
C LEU A 82 -35.85 5.05 2.81
N GLY A 83 -34.86 5.28 3.67
CA GLY A 83 -34.14 6.56 3.64
C GLY A 83 -33.40 6.77 2.33
N LEU A 84 -32.71 5.74 1.85
CA LEU A 84 -31.97 5.84 0.60
C LEU A 84 -32.84 5.62 -0.63
N PHE A 85 -34.13 5.36 -0.45
CA PHE A 85 -35.11 5.61 -1.50
C PHE A 85 -35.59 7.06 -1.48
N ILE A 86 -35.71 7.63 -0.28
CA ILE A 86 -36.07 9.05 -0.17
C ILE A 86 -35.01 9.92 -0.82
N GLN A 87 -33.74 9.60 -0.60
CA GLN A 87 -32.67 10.38 -1.23
C GLN A 87 -32.75 10.30 -2.74
N ASN A 88 -32.60 9.10 -3.31
CA ASN A 88 -32.67 8.91 -4.74
C ASN A 88 -33.04 7.47 -5.07
N PRO A 89 -34.19 7.23 -5.70
CA PRO A 89 -34.58 5.85 -6.00
C PRO A 89 -33.60 5.10 -6.88
N TRP A 90 -32.89 5.80 -7.78
CA TRP A 90 -31.92 5.11 -8.62
C TRP A 90 -30.78 4.54 -7.79
N TRP A 91 -30.28 5.32 -6.84
CA TRP A 91 -29.24 4.82 -5.94
C TRP A 91 -29.76 3.66 -5.12
N ALA A 92 -31.03 3.71 -4.74
CA ALA A 92 -31.64 2.61 -3.99
C ALA A 92 -31.67 1.34 -4.82
N ILE A 93 -32.08 1.44 -6.09
CA ILE A 93 -32.12 0.26 -6.94
C ILE A 93 -30.72 -0.31 -7.14
N SER A 94 -29.75 0.56 -7.40
CA SER A 94 -28.38 0.08 -7.61
C SER A 94 -27.83 -0.59 -6.36
N GLY A 95 -28.06 0.02 -5.18
CA GLY A 95 -27.55 -0.57 -3.96
C GLY A 95 -28.21 -1.88 -3.60
N CYS A 96 -29.53 -1.98 -3.81
CA CYS A 96 -30.22 -3.24 -3.56
C CYS A 96 -29.74 -4.31 -4.52
N LEU A 97 -29.51 -3.97 -5.78
CA LEU A 97 -28.96 -4.93 -6.72
C LEU A 97 -27.57 -5.39 -6.28
N GLY A 98 -26.75 -4.46 -5.80
CA GLY A 98 -25.45 -4.83 -5.30
C GLY A 98 -25.53 -5.79 -4.13
N THR A 99 -26.42 -5.51 -3.17
CA THR A 99 -26.58 -6.39 -2.02
C THR A 99 -27.05 -7.78 -2.46
N ILE A 100 -28.03 -7.83 -3.37
CA ILE A 100 -28.58 -9.10 -3.81
C ILE A 100 -27.50 -9.92 -4.51
N MET A 101 -26.74 -9.28 -5.40
CA MET A 101 -25.73 -10.02 -6.15
C MET A 101 -24.57 -10.45 -5.24
N SER A 102 -24.19 -9.62 -4.27
CA SER A 102 -23.13 -10.01 -3.35
C SER A 102 -23.55 -11.19 -2.49
N THR A 103 -24.78 -11.17 -1.97
CA THR A 103 -25.25 -12.29 -1.16
C THR A 103 -25.38 -13.56 -2.01
N LEU A 104 -25.85 -13.43 -3.25
CA LEU A 104 -25.91 -14.58 -4.14
C LEU A 104 -24.53 -15.16 -4.40
N THR A 105 -23.53 -14.29 -4.62
CA THR A 105 -22.17 -14.76 -4.81
C THR A 105 -21.64 -15.46 -3.58
N ALA A 106 -21.91 -14.91 -2.39
CA ALA A 106 -21.49 -15.57 -1.17
C ALA A 106 -22.16 -16.92 -1.01
N LEU A 107 -23.40 -17.06 -1.48
CA LEU A 107 -24.07 -18.35 -1.44
C LEU A 107 -23.42 -19.34 -2.41
N ILE A 108 -23.15 -18.91 -3.64
CA ILE A 108 -22.60 -19.81 -4.64
C ILE A 108 -21.11 -20.03 -4.48
N LEU A 109 -20.44 -19.28 -3.61
CA LEU A 109 -19.04 -19.51 -3.29
C LEU A 109 -18.86 -20.35 -2.04
N SER A 110 -19.93 -20.95 -1.54
CA SER A 110 -19.88 -21.81 -0.35
C SER A 110 -19.28 -21.07 0.85
N GLN A 111 -19.65 -19.81 1.01
CA GLN A 111 -19.24 -19.07 2.19
C GLN A 111 -20.05 -19.51 3.41
N ASP A 112 -19.60 -19.08 4.58
CA ASP A 112 -20.25 -19.47 5.82
C ASP A 112 -21.69 -18.97 5.85
N LYS A 113 -22.62 -19.87 6.20
CA LYS A 113 -24.03 -19.52 6.20
C LYS A 113 -24.44 -18.77 7.46
N SER A 114 -23.66 -18.87 8.53
CA SER A 114 -23.93 -18.08 9.73
C SER A 114 -23.44 -16.64 9.59
N ALA A 115 -22.59 -16.36 8.61
CA ALA A 115 -22.16 -15.00 8.31
C ALA A 115 -23.00 -14.36 7.22
N ILE A 116 -23.46 -15.15 6.23
CA ILE A 116 -24.39 -14.62 5.25
C ILE A 116 -25.70 -14.22 5.92
N ALA A 117 -26.19 -15.06 6.83
CA ALA A 117 -27.45 -14.79 7.49
C ALA A 117 -27.40 -13.58 8.41
N ALA A 118 -26.20 -13.11 8.75
CA ALA A 118 -26.04 -11.92 9.57
C ALA A 118 -25.79 -10.67 8.75
N GLY A 119 -25.84 -10.76 7.42
CA GLY A 119 -25.62 -9.61 6.58
C GLY A 119 -24.18 -9.20 6.40
N PHE A 120 -23.23 -10.07 6.75
N PHE A 120 -23.23 -10.07 6.75
CA PHE A 120 -21.82 -9.73 6.63
CA PHE A 120 -21.82 -9.74 6.63
C PHE A 120 -21.38 -9.69 5.17
C PHE A 120 -21.35 -9.72 5.19
N HIS A 121 -22.02 -10.46 4.31
CA HIS A 121 -21.65 -10.52 2.90
C HIS A 121 -22.53 -9.64 2.02
N GLY A 122 -23.36 -8.80 2.62
CA GLY A 122 -24.25 -7.94 1.86
C GLY A 122 -24.03 -6.46 2.10
N TYR A 123 -23.38 -6.12 3.21
CA TYR A 123 -23.15 -4.71 3.51
C TYR A 123 -22.05 -4.10 2.65
N ASN A 124 -21.25 -4.93 1.99
CA ASN A 124 -20.27 -4.45 1.05
C ASN A 124 -20.82 -4.34 -0.37
N GLY A 125 -22.04 -4.80 -0.60
CA GLY A 125 -22.64 -4.69 -1.92
C GLY A 125 -23.55 -3.47 -2.03
N VAL A 126 -24.26 -3.17 -0.94
CA VAL A 126 -25.13 -1.99 -0.94
C VAL A 126 -24.31 -0.74 -1.17
N LEU A 127 -23.17 -0.63 -0.49
CA LEU A 127 -22.33 0.54 -0.65
C LEU A 127 -21.74 0.61 -2.06
N VAL A 128 -21.32 -0.53 -2.61
CA VAL A 128 -20.75 -0.54 -3.96
C VAL A 128 -21.78 -0.06 -4.98
N GLY A 129 -23.00 -0.59 -4.90
CA GLY A 129 -24.05 -0.12 -5.80
C GLY A 129 -24.35 1.35 -5.60
N LEU A 130 -24.51 1.78 -4.35
CA LEU A 130 -24.85 3.16 -4.07
C LEU A 130 -23.79 4.12 -4.58
N LEU A 131 -22.52 3.78 -4.40
CA LEU A 131 -21.42 4.67 -4.72
C LEU A 131 -20.95 4.53 -6.16
N MET A 132 -21.46 3.56 -6.92
CA MET A 132 -21.36 3.69 -8.36
C MET A 132 -22.57 4.40 -8.96
N ALA A 133 -23.70 4.44 -8.25
CA ALA A 133 -24.79 5.30 -8.65
C ALA A 133 -24.56 6.75 -8.25
N VAL A 134 -23.65 7.01 -7.32
CA VAL A 134 -23.33 8.37 -6.92
C VAL A 134 -22.28 8.97 -7.86
N PHE A 135 -21.18 8.25 -8.07
CA PHE A 135 -20.12 8.71 -8.95
C PHE A 135 -20.36 8.18 -10.37
N SER A 136 -21.46 8.66 -10.95
CA SER A 136 -21.82 8.33 -12.33
C SER A 136 -22.28 9.61 -13.01
N ASP A 137 -21.46 10.12 -13.92
CA ASP A 137 -21.77 11.35 -14.64
C ASP A 137 -22.93 11.17 -15.61
N LYS A 138 -23.36 9.95 -15.88
CA LYS A 138 -24.39 9.70 -16.88
C LYS A 138 -25.79 10.09 -16.41
N GLY A 139 -25.97 10.38 -15.13
CA GLY A 139 -27.26 10.82 -14.64
C GLY A 139 -28.10 9.68 -14.10
N ASP A 140 -29.27 10.05 -13.58
CA ASP A 140 -30.17 9.07 -13.00
C ASP A 140 -30.72 8.13 -14.05
N TYR A 141 -30.97 6.89 -13.62
CA TYR A 141 -31.61 5.86 -14.44
C TYR A 141 -30.83 5.62 -15.73
N TYR A 142 -29.52 5.42 -15.58
CA TYR A 142 -28.65 4.89 -16.63
C TYR A 142 -28.57 3.38 -16.38
N TRP A 143 -29.49 2.64 -17.02
CA TRP A 143 -29.69 1.25 -16.65
C TRP A 143 -28.46 0.39 -16.95
N TRP A 144 -27.66 0.75 -17.95
CA TRP A 144 -26.45 -0.01 -18.24
C TRP A 144 -25.51 -0.06 -17.05
N LEU A 145 -25.56 0.95 -16.19
CA LEU A 145 -24.72 0.99 -15.00
C LEU A 145 -24.99 -0.20 -14.08
N LEU A 146 -26.17 -0.82 -14.19
CA LEU A 146 -26.44 -2.00 -13.37
C LEU A 146 -25.53 -3.16 -13.74
N LEU A 147 -25.06 -3.21 -14.98
CA LEU A 147 -24.17 -4.30 -15.38
C LEU A 147 -22.86 -4.30 -14.60
N PRO A 148 -22.13 -3.20 -14.46
CA PRO A 148 -21.01 -3.20 -13.52
C PRO A 148 -21.43 -3.46 -12.08
N VAL A 149 -22.60 -2.93 -11.68
CA VAL A 149 -23.04 -3.05 -10.29
C VAL A 149 -23.12 -4.51 -9.88
N ILE A 150 -23.56 -5.37 -10.81
CA ILE A 150 -23.52 -6.80 -10.56
C ILE A 150 -22.06 -7.26 -10.43
N ILE A 151 -21.28 -7.06 -11.50
CA ILE A 151 -19.96 -7.68 -11.58
C ILE A 151 -19.11 -7.27 -10.39
N MET A 152 -19.00 -5.97 -10.14
CA MET A 152 -18.20 -5.49 -9.02
C MET A 152 -18.71 -6.05 -7.71
N SER A 153 -20.03 -6.09 -7.53
CA SER A 153 -20.58 -6.64 -6.29
C SER A 153 -20.18 -8.09 -6.13
N MET A 154 -20.10 -8.84 -7.24
CA MET A 154 -19.73 -10.24 -7.14
C MET A 154 -18.31 -10.41 -6.62
N SER A 155 -17.47 -9.40 -6.73
CA SER A 155 -16.12 -9.47 -6.20
C SER A 155 -16.03 -9.06 -4.74
N CYS A 156 -17.10 -8.53 -4.16
CA CYS A 156 -17.07 -8.15 -2.74
C CYS A 156 -16.89 -9.36 -1.83
N PRO A 157 -17.62 -10.47 -1.99
CA PRO A 157 -17.36 -11.62 -1.09
C PRO A 157 -15.94 -12.13 -1.17
N ILE A 158 -15.36 -12.24 -2.37
CA ILE A 158 -14.03 -12.81 -2.51
C ILE A 158 -13.03 -12.02 -1.67
N LEU A 159 -13.02 -10.70 -1.84
CA LEU A 159 -12.16 -9.86 -1.01
C LEU A 159 -12.52 -10.05 0.46
N SER A 160 -13.82 -10.03 0.77
CA SER A 160 -14.25 -10.19 2.16
C SER A 160 -13.84 -11.54 2.72
N SER A 161 -13.50 -12.49 1.86
CA SER A 161 -12.89 -13.73 2.34
C SER A 161 -11.37 -13.60 2.38
N ALA A 162 -10.77 -13.11 1.28
CA ALA A 162 -9.32 -13.11 1.18
C ALA A 162 -8.70 -12.27 2.29
N LEU A 163 -9.15 -11.03 2.42
CA LEU A 163 -8.65 -10.17 3.50
C LEU A 163 -8.95 -10.78 4.85
N GLY A 164 -10.01 -11.53 4.99
CA GLY A 164 -10.29 -12.19 6.25
C GLY A 164 -9.51 -13.46 6.43
N THR A 165 -8.40 -13.62 5.76
CA THR A 165 -7.54 -14.75 5.95
C THR A 165 -6.25 -14.09 6.31
N ILE A 166 -6.06 -12.83 5.93
CA ILE A 166 -4.88 -12.08 6.28
C ILE A 166 -5.14 -11.44 7.63
N PHE A 167 -6.38 -11.14 7.98
CA PHE A 167 -6.72 -10.43 9.18
C PHE A 167 -7.21 -11.30 10.29
N SER A 168 -7.44 -12.56 10.06
CA SER A 168 -8.02 -13.42 11.10
C SER A 168 -6.96 -13.91 11.97
N LYS A 169 -5.74 -13.53 11.68
CA LYS A 169 -4.62 -13.93 12.47
C LYS A 169 -4.41 -12.94 13.57
N TRP A 170 -5.04 -11.80 13.47
CA TRP A 170 -4.85 -10.76 14.44
C TRP A 170 -6.23 -10.47 14.93
N ASP A 171 -7.19 -11.23 14.44
CA ASP A 171 -8.58 -11.09 14.86
C ASP A 171 -9.10 -9.68 14.61
N LEU A 172 -9.03 -9.28 13.34
CA LEU A 172 -9.58 -8.01 12.90
C LEU A 172 -10.68 -8.25 11.89
N PRO A 173 -11.72 -7.42 11.88
CA PRO A 173 -12.74 -7.53 10.84
C PRO A 173 -12.31 -6.82 9.56
N VAL A 174 -12.84 -7.32 8.44
CA VAL A 174 -12.64 -6.69 7.14
C VAL A 174 -13.73 -5.62 7.03
N PHE A 175 -13.43 -4.45 7.57
CA PHE A 175 -14.45 -3.45 7.85
C PHE A 175 -15.25 -3.05 6.62
N THR A 176 -14.60 -2.38 5.68
CA THR A 176 -15.27 -1.96 4.45
C THR A 176 -14.29 -2.10 3.29
N LEU A 177 -13.15 -2.76 3.51
CA LEU A 177 -12.14 -2.92 2.47
C LEU A 177 -12.64 -3.56 1.18
N PRO A 178 -13.53 -4.56 1.18
CA PRO A 178 -14.12 -5.00 -0.10
C PRO A 178 -14.73 -3.87 -0.92
N PHE A 179 -15.52 -3.04 -0.27
CA PHE A 179 -16.07 -1.88 -0.95
C PHE A 179 -14.94 -0.96 -1.41
N ASN A 180 -13.96 -0.65 -0.56
CA ASN A 180 -12.95 0.31 -0.94
C ASN A 180 -12.20 -0.17 -2.17
N ILE A 181 -11.71 -1.41 -2.14
CA ILE A 181 -10.93 -1.95 -3.25
C ILE A 181 -11.79 -1.99 -4.51
N THR A 182 -13.02 -2.51 -4.40
CA THR A 182 -13.83 -2.74 -5.59
C THR A 182 -14.23 -1.43 -6.25
N VAL A 183 -14.80 -0.49 -5.50
CA VAL A 183 -15.23 0.75 -6.13
C VAL A 183 -14.04 1.61 -6.51
N THR A 184 -12.93 1.53 -5.78
CA THR A 184 -11.75 2.29 -6.18
C THR A 184 -11.21 1.79 -7.52
N LEU A 185 -11.14 0.47 -7.71
CA LEU A 185 -10.68 -0.03 -8.99
C LEU A 185 -11.71 0.19 -10.09
N TYR A 186 -13.00 0.23 -9.73
CA TYR A 186 -14.01 0.56 -10.74
C TYR A 186 -13.87 1.99 -11.21
N LEU A 187 -13.74 2.94 -10.27
CA LEU A 187 -13.67 4.35 -10.63
C LEU A 187 -12.33 4.70 -11.27
N ALA A 188 -11.27 3.94 -10.98
CA ALA A 188 -10.02 4.11 -11.70
C ALA A 188 -10.10 3.51 -13.10
N ALA A 189 -10.69 2.32 -13.23
CA ALA A 189 -10.77 1.67 -14.54
C ALA A 189 -11.62 2.47 -15.51
N THR A 190 -12.78 2.96 -15.04
CA THR A 190 -13.65 3.74 -15.92
C THR A 190 -13.19 5.19 -16.00
N GLY A 191 -13.22 5.89 -14.88
CA GLY A 191 -12.79 7.27 -14.83
C GLY A 191 -13.80 8.20 -15.46
N HIS A 192 -13.49 9.49 -15.40
CA HIS A 192 -14.37 10.49 -15.98
C HIS A 192 -14.38 10.41 -17.50
N TYR A 193 -13.25 10.07 -18.11
CA TYR A 193 -13.14 10.01 -19.57
C TYR A 193 -13.31 8.56 -20.04
N ASN A 194 -14.55 8.09 -19.93
CA ASN A 194 -14.92 6.77 -20.41
C ASN A 194 -16.21 6.88 -21.20
N LEU A 195 -16.31 6.12 -22.29
CA LEU A 195 -17.47 6.21 -23.15
C LEU A 195 -18.70 5.57 -22.53
N PHE A 196 -18.51 4.53 -21.70
CA PHE A 196 -19.63 3.72 -21.24
C PHE A 196 -20.16 4.19 -19.88
N PHE A 197 -19.30 4.22 -18.86
CA PHE A 197 -19.71 4.53 -17.50
C PHE A 197 -18.84 5.63 -16.92
N PRO A 198 -18.95 6.85 -17.44
CA PRO A 198 -18.13 7.94 -16.92
C PRO A 198 -18.48 8.28 -15.48
N THR A 199 -17.48 8.73 -14.74
CA THR A 199 -17.61 9.08 -13.34
C THR A 199 -17.44 10.58 -13.15
N THR A 200 -17.88 11.08 -12.00
CA THR A 200 -17.76 12.50 -11.71
C THR A 200 -16.30 12.90 -11.57
N LEU A 201 -16.01 14.15 -11.91
CA LEU A 201 -14.65 14.66 -11.98
C LEU A 201 -14.24 15.19 -10.62
N LEU A 202 -13.34 14.47 -9.95
CA LEU A 202 -12.71 14.94 -8.73
C LEU A 202 -11.30 15.38 -9.06
N GLN A 203 -10.97 16.62 -8.72
CA GLN A 203 -9.74 17.24 -9.18
C GLN A 203 -9.00 17.86 -8.01
N PRO A 204 -7.68 17.69 -7.94
CA PRO A 204 -6.93 18.22 -6.80
C PRO A 204 -7.02 19.74 -6.73
N ALA A 205 -6.97 20.25 -5.51
CA ALA A 205 -7.09 21.69 -5.29
C ALA A 205 -5.92 22.41 -5.94
N SER A 206 -6.23 23.54 -6.60
CA SER A 206 -5.22 24.32 -7.31
C SER A 206 -5.15 25.76 -6.84
N ALA A 207 -5.88 26.13 -5.79
CA ALA A 207 -5.80 27.49 -5.24
C ALA A 207 -6.32 27.46 -3.82
N MET A 208 -5.99 28.50 -3.07
CA MET A 208 -6.42 28.58 -1.68
C MET A 208 -7.93 28.83 -1.61
N PRO A 209 -8.63 28.16 -0.71
CA PRO A 209 -10.06 28.40 -0.56
C PRO A 209 -10.34 29.80 -0.06
N ASN A 210 -11.45 30.36 -0.51
CA ASN A 210 -11.88 31.69 -0.10
C ASN A 210 -12.95 31.50 0.98
N ILE A 211 -12.49 31.18 2.19
CA ILE A 211 -13.38 30.91 3.30
C ILE A 211 -13.63 32.21 4.06
N THR A 212 -14.89 32.61 4.14
CA THR A 212 -15.30 33.77 4.92
C THR A 212 -15.96 33.27 6.19
N TRP A 213 -15.28 33.45 7.33
CA TRP A 213 -15.72 32.85 8.57
C TRP A 213 -16.91 33.55 9.20
N SER A 214 -17.31 34.71 8.69
CA SER A 214 -18.49 35.37 9.20
C SER A 214 -19.78 34.82 8.60
N GLU A 215 -19.69 34.01 7.55
CA GLU A 215 -20.85 33.47 6.87
C GLU A 215 -21.09 32.00 7.17
N VAL A 216 -20.43 31.46 8.20
CA VAL A 216 -20.66 30.08 8.57
C VAL A 216 -22.06 29.94 9.13
N GLN A 217 -22.83 29.01 8.58
CA GLN A 217 -24.22 28.79 8.99
C GLN A 217 -24.20 27.74 10.09
N VAL A 218 -24.28 28.20 11.35
CA VAL A 218 -24.27 27.27 12.47
C VAL A 218 -25.42 26.28 12.41
N PRO A 219 -26.66 26.65 12.02
CA PRO A 219 -27.68 25.61 11.80
C PRO A 219 -27.26 24.57 10.78
N LEU A 220 -26.66 24.99 9.67
CA LEU A 220 -26.17 24.04 8.69
C LEU A 220 -25.00 23.24 9.24
N LEU A 221 -24.17 23.88 10.06
CA LEU A 221 -23.04 23.19 10.67
C LEU A 221 -23.51 22.09 11.60
N LEU A 222 -24.60 22.34 12.34
CA LEU A 222 -25.20 21.32 13.18
C LEU A 222 -25.86 20.24 12.34
N ARG A 223 -26.55 20.64 11.27
CA ARG A 223 -27.18 19.68 10.36
C ARG A 223 -26.15 18.82 9.63
N ALA A 224 -24.88 19.21 9.67
CA ALA A 224 -23.81 18.36 9.16
C ALA A 224 -23.71 17.05 9.93
N ILE A 225 -24.32 16.95 11.11
CA ILE A 225 -24.31 15.71 11.88
C ILE A 225 -25.27 14.69 11.27
N PRO A 226 -26.58 14.98 11.13
CA PRO A 226 -27.44 13.99 10.47
C PRO A 226 -27.03 13.68 9.04
N VAL A 227 -26.63 14.71 8.27
CA VAL A 227 -26.22 14.44 6.91
C VAL A 227 -24.88 13.72 6.88
N GLY A 228 -24.02 13.98 7.86
CA GLY A 228 -22.78 13.23 7.94
C GLY A 228 -23.01 11.76 8.24
N ILE A 229 -24.11 11.46 8.94
CA ILE A 229 -24.48 10.06 9.18
C ILE A 229 -25.21 9.58 7.93
N GLY A 230 -25.97 10.45 7.28
CA GLY A 230 -26.63 10.09 6.04
C GLY A 230 -25.60 9.80 4.98
N GLN A 231 -24.51 10.56 4.99
CA GLN A 231 -23.44 10.39 3.99
C GLN A 231 -22.71 9.10 4.18
N VAL A 232 -22.96 8.42 5.29
CA VAL A 232 -22.36 7.12 5.45
C VAL A 232 -22.86 6.28 4.30
N TYR A 233 -24.12 6.39 3.88
CA TYR A 233 -24.53 5.63 2.70
C TYR A 233 -24.37 6.41 1.40
N GLY A 234 -23.77 7.59 1.48
CA GLY A 234 -23.59 8.42 0.30
C GLY A 234 -24.78 9.31 0.06
N CYS A 235 -25.74 9.28 0.98
CA CYS A 235 -26.93 10.10 0.84
C CYS A 235 -26.72 11.44 1.51
N ASP A 236 -27.13 12.52 0.85
CA ASP A 236 -26.89 13.85 1.39
C ASP A 236 -28.14 14.51 1.94
N ASN A 237 -29.22 13.78 2.07
CA ASN A 237 -30.50 14.34 2.50
C ASN A 237 -30.62 14.24 4.02
N PRO A 238 -30.82 15.35 4.72
CA PRO A 238 -30.90 15.27 6.19
C PRO A 238 -32.01 14.36 6.69
N TRP A 239 -33.11 14.25 5.95
CA TRP A 239 -34.15 13.28 6.33
C TRP A 239 -33.61 11.86 6.25
N THR A 240 -32.80 11.56 5.23
CA THR A 240 -32.19 10.25 5.12
C THR A 240 -31.27 9.99 6.31
N GLY A 241 -30.49 10.99 6.71
CA GLY A 241 -29.65 10.83 7.89
C GLY A 241 -30.44 10.61 9.15
N GLY A 242 -31.55 11.33 9.30
CA GLY A 242 -32.41 11.13 10.46
C GLY A 242 -33.02 9.74 10.50
N ILE A 243 -33.43 9.22 9.34
CA ILE A 243 -33.99 7.88 9.29
C ILE A 243 -32.92 6.83 9.59
N PHE A 244 -31.70 7.06 9.09
CA PHE A 244 -30.59 6.17 9.45
C PHE A 244 -30.32 6.21 10.94
N LEU A 245 -30.43 7.39 11.55
CA LEU A 245 -30.21 7.51 12.99
C LEU A 245 -31.30 6.82 13.78
N ILE A 246 -32.55 6.90 13.31
CA ILE A 246 -33.63 6.14 13.94
C ILE A 246 -33.37 4.65 13.83
N ALA A 247 -32.90 4.21 12.66
CA ALA A 247 -32.59 2.79 12.47
C ALA A 247 -31.49 2.33 13.43
N LEU A 248 -30.48 3.17 13.63
CA LEU A 248 -29.44 2.84 14.60
C LEU A 248 -30.00 2.79 16.01
N PHE A 249 -30.82 3.77 16.37
CA PHE A 249 -31.34 3.86 17.74
C PHE A 249 -32.25 2.69 18.08
N ILE A 250 -32.98 2.17 17.10
CA ILE A 250 -33.86 1.03 17.35
C ILE A 250 -33.05 -0.17 17.82
N SER A 251 -31.88 -0.39 17.21
CA SER A 251 -31.06 -1.54 17.56
C SER A 251 -30.27 -1.30 18.83
N SER A 252 -29.44 -0.27 18.84
CA SER A 252 -28.62 0.03 20.01
C SER A 252 -28.41 1.53 20.17
N PRO A 253 -28.83 2.12 21.29
CA PRO A 253 -28.63 3.56 21.48
C PRO A 253 -27.18 4.00 21.47
N LEU A 254 -26.26 3.13 21.92
CA LEU A 254 -24.85 3.51 21.96
C LEU A 254 -24.31 3.75 20.55
N ILE A 255 -24.73 2.94 19.59
CA ILE A 255 -24.31 3.15 18.20
C ILE A 255 -24.82 4.49 17.69
N CYS A 256 -26.07 4.84 18.01
CA CYS A 256 -26.62 6.12 17.58
C CYS A 256 -25.85 7.29 18.18
N LEU A 257 -25.57 7.21 19.48
CA LEU A 257 -24.81 8.28 20.14
C LEU A 257 -23.42 8.40 19.55
N HIS A 258 -22.76 7.28 19.30
CA HIS A 258 -21.40 7.33 18.77
C HIS A 258 -21.40 7.83 17.33
N ALA A 259 -22.42 7.51 16.54
CA ALA A 259 -22.52 8.07 15.21
C ALA A 259 -22.70 9.58 15.25
N ALA A 260 -23.56 10.07 16.15
CA ALA A 260 -23.77 11.51 16.26
C ALA A 260 -22.48 12.22 16.66
N ILE A 261 -21.79 11.72 17.69
CA ILE A 261 -20.56 12.38 18.10
C ILE A 261 -19.43 12.16 17.09
N GLY A 262 -19.49 11.10 16.29
CA GLY A 262 -18.54 10.96 15.19
C GLY A 262 -18.73 12.01 14.13
N SER A 263 -19.98 12.28 13.74
CA SER A 263 -20.24 13.39 12.83
C SER A 263 -19.76 14.71 13.42
N THR A 264 -20.00 14.91 14.71
CA THR A 264 -19.56 16.15 15.36
C THR A 264 -18.04 16.28 15.31
N MET A 265 -17.32 15.18 15.60
CA MET A 265 -15.87 15.22 15.54
C MET A 265 -15.38 15.47 14.12
N GLY A 266 -16.05 14.87 13.13
CA GLY A 266 -15.65 15.10 11.76
C GLY A 266 -15.81 16.54 11.32
N MET A 267 -16.96 17.14 11.64
CA MET A 267 -17.17 18.54 11.30
C MET A 267 -16.20 19.45 12.05
N LEU A 268 -15.91 19.13 13.32
CA LEU A 268 -14.96 19.94 14.08
C LEU A 268 -13.55 19.85 13.51
N ALA A 269 -13.13 18.64 13.12
CA ALA A 269 -11.81 18.48 12.49
C ALA A 269 -11.75 19.23 11.16
N ALA A 270 -12.81 19.15 10.37
CA ALA A 270 -12.85 19.90 9.11
C ALA A 270 -12.75 21.39 9.36
N LEU A 271 -13.40 21.88 10.42
CA LEU A 271 -13.26 23.29 10.78
C LEU A 271 -11.82 23.61 11.19
N THR A 272 -11.16 22.69 11.91
CA THR A 272 -9.81 22.96 12.38
C THR A 272 -8.80 22.99 11.23
N ILE A 273 -9.03 22.25 10.15
CA ILE A 273 -8.07 22.25 9.05
C ILE A 273 -8.58 23.05 7.87
N ALA A 274 -9.48 24.01 8.13
CA ALA A 274 -9.94 24.99 7.15
C ALA A 274 -10.55 24.31 5.92
N THR A 275 -11.39 23.32 6.15
CA THR A 275 -12.12 22.70 5.05
C THR A 275 -13.23 23.63 4.57
N PRO A 276 -13.44 23.75 3.26
CA PRO A 276 -14.51 24.63 2.77
C PRO A 276 -15.86 24.22 3.33
N PHE A 277 -16.70 25.22 3.61
CA PHE A 277 -17.93 24.97 4.36
C PHE A 277 -18.91 24.14 3.56
N ASP A 278 -18.82 24.15 2.23
CA ASP A 278 -19.75 23.37 1.43
C ASP A 278 -19.57 21.87 1.67
N SER A 279 -18.33 21.42 1.79
CA SER A 279 -18.07 20.01 2.07
C SER A 279 -18.60 19.63 3.45
N ILE A 280 -18.45 20.52 4.44
CA ILE A 280 -18.96 20.23 5.78
C ILE A 280 -20.48 20.14 5.76
N TYR A 281 -21.14 21.12 5.13
CA TYR A 281 -22.60 21.11 5.08
C TYR A 281 -23.11 19.88 4.34
N PHE A 282 -22.43 19.51 3.26
CA PHE A 282 -22.80 18.33 2.49
C PHE A 282 -22.65 17.04 3.29
N GLY A 283 -21.84 17.06 4.34
CA GLY A 283 -21.63 15.89 5.17
C GLY A 283 -20.51 14.97 4.74
N LEU A 284 -19.65 15.40 3.84
CA LEU A 284 -18.58 14.56 3.33
C LEU A 284 -17.43 14.42 4.32
N CYS A 285 -17.39 15.23 5.39
CA CYS A 285 -16.29 15.22 6.34
C CYS A 285 -16.60 14.41 7.59
N GLY A 286 -17.73 13.71 7.63
CA GLY A 286 -18.14 13.07 8.86
C GLY A 286 -18.29 11.56 8.83
N PHE A 287 -18.67 10.99 7.68
CA PHE A 287 -19.14 9.60 7.68
C PHE A 287 -18.05 8.64 8.13
N ASN A 288 -16.80 8.88 7.72
CA ASN A 288 -15.69 8.06 8.22
C ASN A 288 -15.58 8.18 9.73
N SER A 289 -15.73 9.39 10.26
CA SER A 289 -15.65 9.60 11.69
C SER A 289 -16.81 8.92 12.41
N THR A 290 -18.03 9.00 11.85
CA THR A 290 -19.17 8.33 12.46
C THR A 290 -18.93 6.84 12.56
N LEU A 291 -18.51 6.24 11.45
CA LEU A 291 -18.28 4.80 11.45
C LEU A 291 -17.17 4.42 12.41
N ALA A 292 -16.08 5.21 12.44
CA ALA A 292 -14.97 4.90 13.33
C ALA A 292 -15.39 4.97 14.80
N CYS A 293 -16.18 6.00 15.15
CA CYS A 293 -16.66 6.12 16.51
C CYS A 293 -17.60 4.96 16.88
N ILE A 294 -18.41 4.51 15.92
CA ILE A 294 -19.26 3.35 16.16
C ILE A 294 -18.40 2.11 16.42
N ALA A 295 -17.38 1.91 15.58
CA ALA A 295 -16.60 0.67 15.63
C ALA A 295 -15.76 0.60 16.90
N ILE A 296 -14.98 1.63 17.18
CA ILE A 296 -14.08 1.57 18.33
C ILE A 296 -14.84 1.69 19.64
N GLY A 297 -15.81 2.60 19.70
CA GLY A 297 -16.53 2.87 20.93
C GLY A 297 -17.71 1.96 21.20
N GLY A 298 -17.46 0.74 21.62
CA GLY A 298 -18.54 -0.11 22.07
C GLY A 298 -18.74 -1.37 21.26
N MET A 299 -18.61 -1.27 19.94
CA MET A 299 -18.87 -2.42 19.08
C MET A 299 -17.81 -3.49 19.25
N PHE A 300 -16.53 -3.10 19.20
CA PHE A 300 -15.43 -4.04 19.36
C PHE A 300 -14.76 -3.91 20.71
N TYR A 301 -14.29 -2.72 21.07
CA TYR A 301 -13.88 -2.47 22.43
C TYR A 301 -15.12 -2.41 23.34
N VAL A 302 -15.03 -3.01 24.52
CA VAL A 302 -16.12 -2.89 25.47
C VAL A 302 -16.28 -1.42 25.85
N ILE A 303 -17.53 -1.01 26.08
CA ILE A 303 -17.84 0.40 26.24
C ILE A 303 -17.51 0.85 27.65
N THR A 304 -16.52 1.73 27.77
CA THR A 304 -16.18 2.42 29.01
C THR A 304 -15.90 3.87 28.65
N TRP A 305 -15.57 4.68 29.67
CA TRP A 305 -15.22 6.06 29.38
C TRP A 305 -13.89 6.15 28.65
N GLN A 306 -12.97 5.21 28.87
CA GLN A 306 -11.67 5.19 28.21
C GLN A 306 -11.87 4.76 26.81
N THR A 307 -12.76 3.83 26.54
CA THR A 307 -13.09 3.45 25.18
C THR A 307 -13.87 4.55 24.47
N HIS A 308 -14.70 5.30 25.20
CA HIS A 308 -15.38 6.44 24.60
C HIS A 308 -14.39 7.50 24.13
N LEU A 309 -13.40 7.81 24.98
CA LEU A 309 -12.37 8.76 24.57
C LEU A 309 -11.55 8.23 23.40
N LEU A 310 -11.26 6.93 23.41
CA LEU A 310 -10.54 6.33 22.30
C LEU A 310 -11.35 6.40 21.01
N ALA A 311 -12.68 6.25 21.12
CA ALA A 311 -13.55 6.37 19.95
C ALA A 311 -13.56 7.79 19.41
N ILE A 312 -13.58 8.79 20.31
CA ILE A 312 -13.49 10.18 19.87
C ILE A 312 -12.16 10.43 19.18
N ALA A 313 -11.07 9.91 19.74
CA ALA A 313 -9.77 10.04 19.12
C ALA A 313 -9.72 9.37 17.76
N CYS A 314 -10.36 8.20 17.62
CA CYS A 314 -10.39 7.51 16.34
C CYS A 314 -11.23 8.28 15.34
N ALA A 315 -12.31 8.93 15.79
CA ALA A 315 -13.08 9.78 14.90
C ALA A 315 -12.24 10.94 14.38
N LEU A 316 -11.47 11.57 15.26
CA LEU A 316 -10.61 12.68 14.84
C LEU A 316 -9.53 12.19 13.87
N PHE A 317 -8.89 11.06 14.18
CA PHE A 317 -7.88 10.50 13.30
C PHE A 317 -8.48 10.14 11.94
N ALA A 318 -9.69 9.58 11.94
CA ALA A 318 -10.35 9.22 10.69
C ALA A 318 -10.73 10.45 9.88
N ALA A 319 -11.11 11.54 10.55
CA ALA A 319 -11.41 12.77 9.82
C ALA A 319 -10.17 13.36 9.18
N TYR A 320 -9.07 13.42 9.92
CA TYR A 320 -7.83 13.95 9.37
C TYR A 320 -7.31 13.06 8.24
N LEU A 321 -7.38 11.74 8.43
CA LEU A 321 -6.99 10.83 7.37
C LEU A 321 -7.94 10.89 6.19
N GLY A 322 -9.21 11.25 6.43
CA GLY A 322 -10.14 11.45 5.34
C GLY A 322 -9.78 12.65 4.49
N ALA A 323 -9.40 13.75 5.14
CA ALA A 323 -8.89 14.89 4.38
C ALA A 323 -7.63 14.52 3.61
N ALA A 324 -6.73 13.78 4.25
CA ALA A 324 -5.49 13.38 3.60
C ALA A 324 -5.76 12.51 2.38
N LEU A 325 -6.65 11.51 2.52
CA LEU A 325 -6.92 10.60 1.43
C LEU A 325 -7.78 11.25 0.34
N ALA A 326 -8.62 12.21 0.70
CA ALA A 326 -9.32 12.98 -0.32
C ALA A 326 -8.35 13.81 -1.14
N ASN A 327 -7.36 14.41 -0.49
CA ASN A 327 -6.39 15.22 -1.23
C ASN A 327 -5.47 14.33 -2.07
N MET A 328 -5.12 13.16 -1.56
CA MET A 328 -4.26 12.24 -2.31
C MET A 328 -5.00 11.63 -3.49
N LEU A 329 -6.09 10.90 -3.21
CA LEU A 329 -6.83 10.19 -4.25
C LEU A 329 -7.48 11.12 -5.25
N SER A 330 -7.59 12.41 -4.94
CA SER A 330 -8.13 13.36 -5.91
C SER A 330 -7.22 13.51 -7.12
N VAL A 331 -5.93 13.18 -6.98
CA VAL A 331 -5.05 13.18 -8.13
C VAL A 331 -5.49 12.15 -9.15
N PHE A 332 -5.85 10.95 -8.68
CA PHE A 332 -6.37 9.91 -9.55
C PHE A 332 -7.80 10.17 -9.99
N GLY A 333 -8.47 11.17 -9.42
CA GLY A 333 -9.89 11.33 -9.63
C GLY A 333 -10.75 10.41 -8.81
N LEU A 334 -10.25 10.00 -7.64
CA LEU A 334 -10.93 9.04 -6.79
C LEU A 334 -11.41 9.70 -5.49
N PRO A 335 -12.49 9.20 -4.90
CA PRO A 335 -12.94 9.72 -3.62
C PRO A 335 -12.35 8.93 -2.47
N PRO A 336 -12.39 9.47 -1.25
CA PRO A 336 -11.93 8.72 -0.06
C PRO A 336 -13.06 7.84 0.50
N CYS A 337 -13.47 6.86 -0.30
CA CYS A 337 -14.65 6.06 -0.02
C CYS A 337 -14.34 5.07 1.09
N THR A 338 -14.58 5.47 2.34
CA THR A 338 -14.39 4.60 3.52
C THR A 338 -12.98 4.04 3.77
N TRP A 339 -11.98 4.63 3.12
CA TRP A 339 -10.59 4.25 3.39
C TRP A 339 -10.15 4.75 4.76
N PRO A 340 -10.42 6.01 5.12
CA PRO A 340 -10.05 6.47 6.48
C PRO A 340 -10.65 5.62 7.57
N PHE A 341 -11.87 5.16 7.38
CA PHE A 341 -12.47 4.28 8.36
C PHE A 341 -11.63 3.01 8.50
N CYS A 342 -11.34 2.31 7.40
CA CYS A 342 -10.64 1.04 7.53
C CYS A 342 -9.28 1.26 8.18
N LEU A 343 -8.54 2.26 7.72
CA LEU A 343 -7.19 2.47 8.24
C LEU A 343 -7.21 2.86 9.72
N SER A 344 -8.09 3.80 10.10
CA SER A 344 -8.14 4.29 11.48
C SER A 344 -8.69 3.24 12.43
N ALA A 345 -9.77 2.56 12.05
CA ALA A 345 -10.33 1.53 12.91
C ALA A 345 -9.36 0.37 13.09
N LEU A 346 -8.62 0.02 12.02
CA LEU A 346 -7.65 -1.06 12.15
C LEU A 346 -6.45 -0.64 13.00
N THR A 347 -6.00 0.61 12.87
CA THR A 347 -4.87 1.05 13.67
C THR A 347 -5.25 1.33 15.12
N PHE A 348 -6.54 1.45 15.43
CA PHE A 348 -6.97 1.55 16.81
C PHE A 348 -7.39 0.23 17.41
N LEU A 349 -7.78 -0.74 16.58
CA LEU A 349 -8.04 -2.09 17.08
C LEU A 349 -6.73 -2.84 17.34
N LEU A 350 -5.73 -2.62 16.50
CA LEU A 350 -4.41 -3.21 16.73
C LEU A 350 -3.70 -2.60 17.93
N LEU A 351 -4.18 -1.46 18.43
CA LEU A 351 -3.58 -0.85 19.60
C LEU A 351 -3.61 -1.79 20.79
N THR A 352 -2.47 -1.94 21.45
CA THR A 352 -2.35 -2.79 22.63
C THR A 352 -1.94 -1.92 23.81
N THR A 353 -2.74 -1.92 24.86
CA THR A 353 -2.50 -1.10 26.04
C THR A 353 -2.54 -1.99 27.27
N ASN A 354 -1.75 -1.60 28.28
CA ASN A 354 -1.77 -2.27 29.58
C ASN A 354 -2.92 -1.82 30.45
N ASN A 355 -3.91 -1.16 29.86
CA ASN A 355 -5.06 -0.68 30.61
C ASN A 355 -6.16 -1.73 30.58
N PRO A 356 -6.56 -2.29 31.71
CA PRO A 356 -7.63 -3.31 31.69
C PRO A 356 -8.98 -2.78 31.23
N ALA A 357 -9.21 -1.46 31.27
CA ALA A 357 -10.48 -0.93 30.81
C ALA A 357 -10.59 -0.93 29.29
N ILE A 358 -9.46 -0.80 28.59
CA ILE A 358 -9.44 -0.87 27.13
C ILE A 358 -9.29 -2.34 26.77
N TYR A 359 -10.43 -3.02 26.60
CA TYR A 359 -10.46 -4.45 26.33
C TYR A 359 -11.08 -4.68 24.97
N LYS A 360 -10.42 -5.51 24.16
CA LYS A 360 -10.88 -5.81 22.81
C LYS A 360 -11.57 -7.17 22.81
N LEU A 361 -12.84 -7.18 22.41
CA LEU A 361 -13.60 -8.41 22.40
C LEU A 361 -13.21 -9.29 21.22
N PRO A 362 -13.26 -10.61 21.39
CA PRO A 362 -13.10 -11.50 20.23
C PRO A 362 -14.21 -11.28 19.23
N LEU A 363 -13.87 -11.34 17.94
CA LEU A 363 -14.87 -11.13 16.91
C LEU A 363 -15.97 -12.17 16.97
N SER A 364 -15.66 -13.37 17.47
CA SER A 364 -16.66 -14.42 17.53
C SER A 364 -17.76 -14.11 18.54
N LYS A 365 -17.54 -13.14 19.42
CA LYS A 365 -18.50 -12.81 20.46
C LYS A 365 -18.81 -11.32 20.47
N VAL A 366 -18.89 -10.72 19.29
CA VAL A 366 -19.17 -9.30 19.13
C VAL A 366 -20.61 -9.13 18.68
N THR A 367 -21.32 -8.21 19.32
CA THR A 367 -22.71 -7.90 19.04
C THR A 367 -22.84 -6.39 19.33
N TYR A 368 -24.06 -5.91 19.51
CA TYR A 368 -24.25 -4.50 19.80
CA TYR A 368 -24.15 -4.50 19.79
C TYR A 368 -23.62 -4.17 21.16
N PRO A 369 -23.16 -2.92 21.34
CA PRO A 369 -22.31 -2.59 22.50
C PRO A 369 -22.92 -2.93 23.86
N GLU A 370 -24.23 -2.81 24.02
CA GLU A 370 -24.84 -3.16 25.31
C GLU A 370 -24.65 -4.64 25.62
N ALA A 371 -24.91 -5.50 24.63
CA ALA A 371 -24.67 -6.93 24.82
C ALA A 371 -23.19 -7.22 25.00
N ASN A 372 -22.32 -6.45 24.34
CA ASN A 372 -20.89 -6.62 24.53
C ASN A 372 -20.50 -6.38 25.99
N ARG A 373 -21.00 -5.29 26.58
CA ARG A 373 -20.66 -5.01 27.97
C ARG A 373 -21.27 -6.02 28.92
N ILE A 374 -22.51 -6.45 28.66
CA ILE A 374 -23.11 -7.47 29.51
C ILE A 374 -22.30 -8.76 29.47
N TYR A 375 -21.90 -9.18 28.27
CA TYR A 375 -21.08 -10.38 28.14
C TYR A 375 -19.75 -10.21 28.85
N TYR A 376 -19.11 -9.05 28.71
CA TYR A 376 -17.81 -8.85 29.33
C TYR A 376 -17.91 -8.81 30.84
N LEU A 377 -18.96 -8.20 31.39
CA LEU A 377 -19.11 -8.19 32.84
C LEU A 377 -19.47 -9.57 33.37
N SER A 378 -20.23 -10.35 32.61
CA SER A 378 -20.48 -11.72 33.00
C SER A 378 -19.23 -12.58 32.84
N GLN A 379 -18.34 -12.19 31.94
CA GLN A 379 -17.07 -12.88 31.72
C GLN A 379 -17.27 -14.35 31.34
N SER B 52 13.14 11.57 40.43
CA SER B 52 12.02 12.50 40.31
C SER B 52 11.35 12.35 38.96
N PRO B 53 10.03 12.46 38.93
CA PRO B 53 9.30 12.27 37.66
C PRO B 53 9.73 13.24 36.57
N VAL B 54 10.03 14.48 36.91
CA VAL B 54 10.37 15.48 35.89
C VAL B 54 11.71 15.14 35.23
N PHE B 55 12.73 14.86 36.04
CA PHE B 55 14.04 14.53 35.47
C PHE B 55 14.00 13.21 34.73
N GLN B 56 13.24 12.24 35.23
CA GLN B 56 13.08 10.98 34.51
C GLN B 56 12.42 11.20 33.16
N PHE B 57 11.37 12.03 33.12
CA PHE B 57 10.70 12.30 31.86
C PHE B 57 11.61 13.01 30.88
N PHE B 58 12.42 13.96 31.37
CA PHE B 58 13.33 14.66 30.47
C PHE B 58 14.44 13.73 29.98
N ASP B 59 14.87 12.79 30.82
CA ASP B 59 15.79 11.75 30.36
C ASP B 59 15.14 10.93 29.25
N TRP B 60 13.87 10.59 29.40
CA TRP B 60 13.17 9.83 28.37
C TRP B 60 13.08 10.62 27.07
N VAL B 61 12.79 11.91 27.14
CA VAL B 61 12.68 12.69 25.91
C VAL B 61 14.04 12.86 25.25
N LEU B 62 15.12 12.99 26.04
CA LEU B 62 16.46 13.03 25.46
C LEU B 62 16.79 11.73 24.75
N ARG B 63 16.48 10.60 25.39
CA ARG B 63 16.72 9.31 24.76
C ARG B 63 15.91 9.16 23.49
N GLY B 64 14.67 9.64 23.49
CA GLY B 64 13.87 9.62 22.28
C GLY B 64 14.49 10.46 21.17
N THR B 65 14.97 11.66 21.51
CA THR B 65 15.62 12.50 20.51
C THR B 65 16.82 11.78 19.90
N SER B 66 17.59 11.07 20.73
CA SER B 66 18.75 10.36 20.21
C SER B 66 18.35 9.12 19.41
N GLN B 67 17.22 8.50 19.73
CA GLN B 67 16.88 7.18 19.18
C GLN B 67 16.56 7.20 17.69
N VAL B 68 16.42 8.37 17.08
CA VAL B 68 16.16 8.40 15.64
C VAL B 68 17.27 7.71 14.89
N MET B 69 18.50 7.87 15.35
CA MET B 69 19.67 7.23 14.75
C MET B 69 20.12 6.00 15.54
N PHE B 70 19.22 5.27 16.12
CA PHE B 70 19.52 4.05 16.82
C PHE B 70 20.34 4.11 18.09
N VAL B 71 20.75 5.28 18.52
CA VAL B 71 21.52 5.49 19.75
C VAL B 71 20.63 5.88 20.95
N ASN B 72 20.77 5.27 22.13
CA ASN B 72 19.97 5.57 23.33
C ASN B 72 20.56 6.52 24.35
N ASN B 73 21.81 6.92 24.27
CA ASN B 73 22.39 7.72 25.31
C ASN B 73 21.72 9.05 25.42
N PRO B 74 21.55 9.58 26.63
CA PRO B 74 20.99 10.91 26.86
C PRO B 74 21.93 12.03 26.41
N LEU B 75 23.23 11.97 26.63
CA LEU B 75 24.20 12.94 26.13
C LEU B 75 24.10 13.08 24.62
N SER B 76 23.88 11.97 23.92
CA SER B 76 23.63 12.03 22.48
C SER B 76 22.38 12.84 22.19
N GLY B 77 21.34 12.67 23.00
CA GLY B 77 20.13 13.47 22.83
C GLY B 77 20.37 14.95 23.02
N ILE B 78 21.17 15.30 24.03
CA ILE B 78 21.51 16.70 24.26
C ILE B 78 22.27 17.26 23.06
N LEU B 79 23.21 16.48 22.52
CA LEU B 79 23.97 16.96 21.36
C LEU B 79 23.07 17.11 20.13
N ILE B 80 22.16 16.17 19.91
CA ILE B 80 21.22 16.30 18.79
C ILE B 80 20.37 17.54 18.94
N ILE B 81 19.86 17.78 20.16
CA ILE B 81 19.02 18.95 20.41
C ILE B 81 19.81 20.23 20.21
N LEU B 82 21.07 20.25 20.65
CA LEU B 82 21.91 21.43 20.42
C LEU B 82 22.15 21.66 18.93
N GLY B 83 22.40 20.59 18.18
CA GLY B 83 22.61 20.74 16.75
C GLY B 83 21.37 21.27 16.03
N LEU B 84 20.21 20.74 16.37
CA LEU B 84 18.96 21.18 15.75
C LEU B 84 18.38 22.43 16.39
N PHE B 85 19.03 22.97 17.43
CA PHE B 85 18.86 24.37 17.80
C PHE B 85 19.78 25.27 16.98
N ILE B 86 20.98 24.79 16.67
CA ILE B 86 21.91 25.54 15.82
C ILE B 86 21.30 25.74 14.44
N GLN B 87 20.68 24.70 13.89
CA GLN B 87 20.05 24.81 12.59
C GLN B 87 18.94 25.86 12.60
N ASN B 88 17.89 25.62 13.40
CA ASN B 88 16.78 26.56 13.51
C ASN B 88 16.07 26.35 14.84
N PRO B 89 16.06 27.36 15.72
CA PRO B 89 15.40 27.19 17.01
C PRO B 89 13.92 26.87 16.93
N TRP B 90 13.22 27.36 15.89
CA TRP B 90 11.81 27.04 15.75
C TRP B 90 11.59 25.55 15.52
N TRP B 91 12.40 24.95 14.65
CA TRP B 91 12.32 23.52 14.43
C TRP B 91 12.65 22.77 15.71
N ALA B 92 13.58 23.29 16.50
CA ALA B 92 13.92 22.67 17.77
C ALA B 92 12.74 22.69 18.72
N ILE B 93 12.06 23.83 18.83
CA ILE B 93 10.91 23.92 19.72
C ILE B 93 9.81 22.97 19.26
N SER B 94 9.53 22.94 17.96
CA SER B 94 8.48 22.05 17.47
C SER B 94 8.83 20.59 17.70
N GLY B 95 10.08 20.20 17.44
CA GLY B 95 10.47 18.81 17.64
C GLY B 95 10.45 18.39 19.10
N CYS B 96 10.91 19.28 19.99
CA CYS B 96 10.85 18.97 21.41
C CYS B 96 9.41 18.86 21.89
N LEU B 97 8.53 19.72 21.39
CA LEU B 97 7.12 19.61 21.74
C LEU B 97 6.54 18.29 21.24
N GLY B 98 6.92 17.88 20.04
CA GLY B 98 6.47 16.59 19.53
C GLY B 98 6.93 15.44 20.38
N THR B 99 8.21 15.45 20.79
CA THR B 99 8.72 14.38 21.64
C THR B 99 8.00 14.35 22.97
N ILE B 100 7.80 15.52 23.59
CA ILE B 100 7.16 15.59 24.89
C ILE B 100 5.73 15.07 24.80
N MET B 101 4.99 15.49 23.78
CA MET B 101 3.60 15.06 23.66
C MET B 101 3.50 13.58 23.32
N SER B 102 4.40 13.07 22.49
CA SER B 102 4.38 11.64 22.16
C SER B 102 4.68 10.79 23.39
N THR B 103 5.68 11.19 24.19
CA THR B 103 5.98 10.43 25.39
C THR B 103 4.85 10.53 26.41
N LEU B 104 4.23 11.70 26.53
CA LEU B 104 3.07 11.82 27.42
C LEU B 104 1.92 10.94 26.97
N THR B 105 1.68 10.87 25.66
CA THR B 105 0.64 9.99 25.15
C THR B 105 0.96 8.52 25.43
N ALA B 106 2.22 8.13 25.24
CA ALA B 106 2.61 6.76 25.55
C ALA B 106 2.43 6.46 27.04
N LEU B 107 2.65 7.46 27.90
CA LEU B 107 2.41 7.26 29.32
C LEU B 107 0.93 7.08 29.61
N ILE B 108 0.08 7.95 29.04
CA ILE B 108 -1.35 7.90 29.33
C ILE B 108 -2.07 6.81 28.57
N LEU B 109 -1.41 6.15 27.62
CA LEU B 109 -1.97 5.01 26.92
C LEU B 109 -1.52 3.69 27.53
N SER B 110 -0.91 3.72 28.70
CA SER B 110 -0.45 2.52 29.40
C SER B 110 0.47 1.68 28.51
N GLN B 111 1.36 2.33 27.79
CA GLN B 111 2.36 1.62 27.02
C GLN B 111 3.46 1.10 27.94
N ASP B 112 4.31 0.23 27.39
CA ASP B 112 5.36 -0.39 28.18
C ASP B 112 6.32 0.65 28.71
N LYS B 113 6.62 0.59 30.00
CA LYS B 113 7.49 1.58 30.62
C LYS B 113 8.96 1.31 30.38
N SER B 114 9.32 0.08 30.03
CA SER B 114 10.70 -0.22 29.66
C SER B 114 11.01 0.20 28.23
N ALA B 115 10.00 0.49 27.43
CA ALA B 115 10.19 1.02 26.08
C ALA B 115 10.10 2.54 26.05
N ILE B 116 9.24 3.13 26.89
CA ILE B 116 9.22 4.58 27.02
C ILE B 116 10.54 5.09 27.59
N ALA B 117 11.08 4.40 28.59
CA ALA B 117 12.32 4.82 29.22
C ALA B 117 13.51 4.69 28.31
N ALA B 118 13.39 3.96 27.20
CA ALA B 118 14.47 3.83 26.23
C ALA B 118 14.31 4.79 25.05
N GLY B 119 13.31 5.67 25.08
CA GLY B 119 13.12 6.61 24.01
C GLY B 119 12.45 6.05 22.77
N PHE B 120 11.84 4.86 22.86
N PHE B 120 11.85 4.87 22.86
CA PHE B 120 11.21 4.26 21.70
CA PHE B 120 11.21 4.26 21.70
C PHE B 120 9.94 4.99 21.30
C PHE B 120 9.92 4.96 21.32
N HIS B 121 9.26 5.63 22.25
CA HIS B 121 8.01 6.33 21.98
C HIS B 121 8.21 7.82 21.82
N GLY B 122 9.45 8.28 21.73
CA GLY B 122 9.72 9.70 21.59
C GLY B 122 10.47 10.06 20.31
N TYR B 123 11.13 9.08 19.70
CA TYR B 123 11.88 9.36 18.48
C TYR B 123 10.98 9.55 17.27
N ASN B 124 9.72 9.14 17.37
CA ASN B 124 8.76 9.41 16.32
C ASN B 124 8.04 10.73 16.50
N GLY B 125 8.25 11.42 17.62
CA GLY B 125 7.64 12.71 17.83
C GLY B 125 8.57 13.85 17.47
N VAL B 126 9.86 13.68 17.74
CA VAL B 126 10.83 14.71 17.39
C VAL B 126 10.84 14.93 15.89
N LEU B 127 10.82 13.84 15.12
CA LEU B 127 10.83 13.97 13.67
C LEU B 127 9.53 14.60 13.16
N VAL B 128 8.39 14.22 13.74
CA VAL B 128 7.11 14.78 13.32
C VAL B 128 7.09 16.29 13.54
N GLY B 129 7.51 16.73 14.72
CA GLY B 129 7.59 18.16 14.98
C GLY B 129 8.55 18.86 14.04
N LEU B 130 9.74 18.29 13.88
CA LEU B 130 10.76 18.92 13.05
C LEU B 130 10.29 19.05 11.60
N LEU B 131 9.65 18.02 11.08
CA LEU B 131 9.28 17.97 9.67
C LEU B 131 7.91 18.60 9.40
N MET B 132 7.17 18.99 10.43
CA MET B 132 6.12 19.97 10.19
C MET B 132 6.60 21.40 10.36
N ALA B 133 7.70 21.60 11.09
CA ALA B 133 8.35 22.91 11.09
C ALA B 133 9.19 23.14 9.85
N VAL B 134 9.55 22.08 9.14
CA VAL B 134 10.30 22.21 7.89
C VAL B 134 9.37 22.48 6.72
N PHE B 135 8.34 21.66 6.57
CA PHE B 135 7.37 21.82 5.49
C PHE B 135 6.21 22.69 5.97
N SER B 136 6.54 23.95 6.26
CA SER B 136 5.55 24.93 6.66
C SER B 136 5.87 26.23 5.93
N ASP B 137 5.02 26.58 4.96
CA ASP B 137 5.22 27.79 4.18
C ASP B 137 5.00 29.06 4.98
N LYS B 138 4.45 28.95 6.19
CA LYS B 138 4.11 30.14 6.97
C LYS B 138 5.32 30.82 7.58
N GLY B 139 6.49 30.20 7.55
CA GLY B 139 7.69 30.82 8.06
C GLY B 139 7.98 30.46 9.50
N ASP B 140 9.11 30.97 9.98
CA ASP B 140 9.54 30.69 11.34
C ASP B 140 8.60 31.31 12.35
N TYR B 141 8.48 30.63 13.50
CA TYR B 141 7.71 31.12 14.65
C TYR B 141 6.25 31.41 14.26
N TYR B 142 5.64 30.44 13.59
CA TYR B 142 4.19 30.40 13.40
C TYR B 142 3.63 29.53 14.53
N TRP B 143 3.27 30.17 15.63
CA TRP B 143 3.00 29.43 16.87
C TRP B 143 1.79 28.52 16.74
N TRP B 144 0.82 28.88 15.89
CA TRP B 144 -0.35 28.03 15.70
C TRP B 144 0.05 26.64 15.22
N LEU B 145 1.17 26.54 14.50
CA LEU B 145 1.64 25.25 14.02
C LEU B 145 1.91 24.28 15.16
N LEU B 146 2.13 24.77 16.38
CA LEU B 146 2.32 23.87 17.51
C LEU B 146 1.07 23.07 17.81
N LEU B 147 -0.11 23.61 17.47
CA LEU B 147 -1.34 22.86 17.74
C LEU B 147 -1.42 21.55 16.95
N PRO B 148 -1.17 21.52 15.64
CA PRO B 148 -1.02 20.21 14.99
C PRO B 148 0.12 19.38 15.54
N VAL B 149 1.24 20.04 15.89
CA VAL B 149 2.43 19.31 16.34
C VAL B 149 2.09 18.45 17.54
N ILE B 150 1.23 18.95 18.44
CA ILE B 150 0.73 18.13 19.53
C ILE B 150 -0.10 16.99 18.98
N ILE B 151 -1.19 17.31 18.26
CA ILE B 151 -2.19 16.32 17.89
C ILE B 151 -1.55 15.19 17.11
N MET B 152 -0.81 15.53 16.04
CA MET B 152 -0.16 14.52 15.24
C MET B 152 0.80 13.68 16.06
N SER B 153 1.57 14.33 16.95
CA SER B 153 2.50 13.58 17.78
C SER B 153 1.75 12.60 18.67
N MET B 154 0.55 12.98 19.13
CA MET B 154 -0.21 12.07 19.98
C MET B 154 -0.60 10.80 19.25
N SER B 155 -0.63 10.82 17.92
CA SER B 155 -0.94 9.63 17.16
C SER B 155 0.27 8.77 16.86
N CYS B 156 1.47 9.25 17.17
CA CYS B 156 2.68 8.44 16.94
C CYS B 156 2.71 7.19 17.80
N PRO B 157 2.44 7.24 19.12
CA PRO B 157 2.44 5.98 19.89
C PRO B 157 1.46 4.95 19.38
N ILE B 158 0.23 5.38 19.03
CA ILE B 158 -0.80 4.43 18.62
C ILE B 158 -0.32 3.61 17.43
N LEU B 159 0.16 4.30 16.39
CA LEU B 159 0.74 3.59 15.26
C LEU B 159 1.92 2.74 15.71
N SER B 160 2.81 3.31 16.53
CA SER B 160 3.95 2.56 17.01
C SER B 160 3.55 1.36 17.82
N SER B 161 2.31 1.31 18.30
CA SER B 161 1.78 0.09 18.89
C SER B 161 1.13 -0.79 17.83
N ALA B 162 0.24 -0.20 17.02
CA ALA B 162 -0.55 -0.99 16.08
C ALA B 162 0.34 -1.74 15.11
N LEU B 163 1.24 -1.02 14.43
CA LEU B 163 2.17 -1.66 13.53
C LEU B 163 3.04 -2.67 14.26
N GLY B 164 3.33 -2.45 15.53
CA GLY B 164 4.09 -3.42 16.28
C GLY B 164 3.26 -4.57 16.77
N THR B 165 2.12 -4.84 16.16
CA THR B 165 1.33 -5.99 16.51
C THR B 165 1.27 -6.71 15.20
N ILE B 166 1.45 -6.00 14.08
CA ILE B 166 1.49 -6.62 12.78
C ILE B 166 2.90 -7.10 12.51
N PHE B 167 3.91 -6.46 13.10
CA PHE B 167 5.29 -6.76 12.82
C PHE B 167 5.94 -7.59 13.87
N SER B 168 5.31 -7.84 14.99
CA SER B 168 5.97 -8.58 16.07
C SER B 168 5.86 -10.02 15.83
N LYS B 169 5.23 -10.38 14.75
CA LYS B 169 5.08 -11.75 14.39
C LYS B 169 6.21 -12.18 13.56
N TRP B 170 6.99 -11.25 13.07
CA TRP B 170 8.09 -11.55 12.21
C TRP B 170 9.27 -10.93 12.88
N ASP B 171 9.04 -10.37 14.04
CA ASP B 171 10.10 -9.76 14.85
C ASP B 171 10.82 -8.67 14.07
N LEU B 172 10.03 -7.68 13.64
CA LEU B 172 10.56 -6.49 12.98
C LEU B 172 10.25 -5.26 13.80
N PRO B 173 11.14 -4.28 13.83
CA PRO B 173 10.83 -3.02 14.49
C PRO B 173 9.99 -2.10 13.60
N VAL B 174 9.21 -1.25 14.26
CA VAL B 174 8.44 -0.22 13.57
C VAL B 174 9.39 0.97 13.43
N PHE B 175 10.18 0.95 12.36
CA PHE B 175 11.36 1.80 12.25
C PHE B 175 11.02 3.27 12.38
N THR B 176 10.32 3.82 11.40
CA THR B 176 9.94 5.23 11.42
C THR B 176 8.53 5.37 10.85
N LEU B 177 7.83 4.26 10.65
CA LEU B 177 6.48 4.28 10.07
C LEU B 177 5.50 5.17 10.81
N PRO B 178 5.48 5.26 12.15
CA PRO B 178 4.62 6.28 12.78
C PRO B 178 4.83 7.69 12.27
N PHE B 179 6.09 8.09 12.15
CA PHE B 179 6.39 9.38 11.56
C PHE B 179 5.91 9.42 10.11
N ASN B 180 6.20 8.39 9.31
CA ASN B 180 5.86 8.47 7.90
C ASN B 180 4.36 8.64 7.72
N ILE B 181 3.57 7.79 8.36
CA ILE B 181 2.12 7.85 8.23
C ILE B 181 1.60 9.19 8.73
N THR B 182 2.05 9.61 9.92
CA THR B 182 1.47 10.80 10.55
C THR B 182 1.78 12.05 9.75
N VAL B 183 3.05 12.29 9.43
CA VAL B 183 3.37 13.53 8.71
C VAL B 183 2.90 13.45 7.27
N THR B 184 2.84 12.26 6.67
CA THR B 184 2.32 12.16 5.32
C THR B 184 0.84 12.52 5.28
N LEU B 185 0.05 12.03 6.24
CA LEU B 185 -1.36 12.40 6.26
C LEU B 185 -1.55 13.85 6.69
N TYR B 186 -0.63 14.39 7.49
CA TYR B 186 -0.71 15.81 7.82
C TYR B 186 -0.48 16.67 6.58
N LEU B 187 0.59 16.38 5.84
CA LEU B 187 0.93 17.19 4.68
C LEU B 187 -0.05 16.99 3.54
N ALA B 188 -0.70 15.82 3.47
CA ALA B 188 -1.77 15.64 2.50
C ALA B 188 -3.04 16.38 2.93
N ALA B 189 -3.39 16.29 4.21
CA ALA B 189 -4.61 16.93 4.69
C ALA B 189 -4.53 18.45 4.57
N THR B 190 -3.40 19.04 4.94
CA THR B 190 -3.25 20.48 4.84
C THR B 190 -2.86 20.90 3.43
N GLY B 191 -1.70 20.46 2.96
CA GLY B 191 -1.26 20.79 1.63
C GLY B 191 -0.78 22.22 1.52
N HIS B 192 -0.30 22.56 0.32
CA HIS B 192 0.17 23.91 0.08
C HIS B 192 -0.98 24.91 0.06
N TYR B 193 -2.15 24.50 -0.42
CA TYR B 193 -3.30 25.38 -0.53
C TYR B 193 -4.23 25.17 0.66
N ASN B 194 -3.76 25.63 1.82
CA ASN B 194 -4.53 25.59 3.05
C ASN B 194 -4.42 26.94 3.73
N LEU B 195 -5.53 27.40 4.31
CA LEU B 195 -5.54 28.72 4.93
C LEU B 195 -4.77 28.74 6.25
N PHE B 196 -4.74 27.62 6.98
CA PHE B 196 -4.22 27.62 8.33
C PHE B 196 -2.74 27.23 8.37
N PHE B 197 -2.40 26.05 7.86
CA PHE B 197 -1.04 25.49 7.97
C PHE B 197 -0.55 25.08 6.60
N PRO B 198 -0.31 26.02 5.70
CA PRO B 198 0.17 25.66 4.37
C PRO B 198 1.56 25.06 4.41
N THR B 199 1.81 24.15 3.47
CA THR B 199 3.08 23.45 3.36
C THR B 199 3.81 23.87 2.10
N THR B 200 5.10 23.57 2.07
CA THR B 200 5.92 23.93 0.91
C THR B 200 5.48 23.14 -0.31
N LEU B 201 5.67 23.75 -1.48
CA LEU B 201 5.17 23.21 -2.74
C LEU B 201 6.22 22.28 -3.34
N LEU B 202 5.93 20.98 -3.31
CA LEU B 202 6.74 19.99 -3.99
C LEU B 202 6.00 19.55 -5.26
N GLN B 203 6.65 19.68 -6.40
CA GLN B 203 5.99 19.54 -7.68
C GLN B 203 6.77 18.57 -8.56
N PRO B 204 6.09 17.66 -9.26
CA PRO B 204 6.81 16.68 -10.08
C PRO B 204 7.60 17.35 -11.19
N ALA B 205 8.71 16.72 -11.54
CA ALA B 205 9.59 17.27 -12.57
C ALA B 205 8.88 17.34 -13.91
N SER B 206 9.05 18.45 -14.61
CA SER B 206 8.39 18.67 -15.90
C SER B 206 9.36 18.95 -17.04
N ALA B 207 10.67 18.85 -16.80
CA ALA B 207 11.65 19.01 -17.85
C ALA B 207 12.95 18.35 -17.42
N MET B 208 13.82 18.11 -18.40
CA MET B 208 15.09 17.46 -18.10
C MET B 208 16.00 18.42 -17.34
N PRO B 209 16.71 17.93 -16.33
CA PRO B 209 17.64 18.80 -15.60
C PRO B 209 18.80 19.25 -16.48
N ASN B 210 19.27 20.46 -16.23
CA ASN B 210 20.40 21.01 -16.96
C ASN B 210 21.63 20.84 -16.09
N ILE B 211 22.14 19.61 -16.05
CA ILE B 211 23.29 19.26 -15.22
C ILE B 211 24.57 19.48 -16.03
N THR B 212 25.44 20.36 -15.53
CA THR B 212 26.75 20.58 -16.13
C THR B 212 27.78 19.89 -15.25
N TRP B 213 28.36 18.80 -15.75
CA TRP B 213 29.22 17.96 -14.94
C TRP B 213 30.59 18.55 -14.69
N SER B 214 30.94 19.66 -15.36
CA SER B 214 32.21 20.30 -15.08
C SER B 214 32.16 21.23 -13.89
N GLU B 215 30.96 21.53 -13.38
CA GLU B 215 30.79 22.45 -12.26
C GLU B 215 30.46 21.73 -10.96
N VAL B 216 30.64 20.41 -10.91
CA VAL B 216 30.39 19.69 -9.66
C VAL B 216 31.43 20.10 -8.64
N GLN B 217 30.97 20.52 -7.47
CA GLN B 217 31.87 20.96 -6.40
C GLN B 217 32.19 19.75 -5.54
N VAL B 218 33.36 19.16 -5.77
CA VAL B 218 33.76 17.99 -4.99
C VAL B 218 33.83 18.28 -3.50
N PRO B 219 34.33 19.44 -3.03
CA PRO B 219 34.19 19.74 -1.60
C PRO B 219 32.76 19.73 -1.11
N LEU B 220 31.83 20.30 -1.88
CA LEU B 220 30.42 20.25 -1.51
C LEU B 220 29.89 18.83 -1.60
N LEU B 221 30.37 18.07 -2.57
CA LEU B 221 29.94 16.68 -2.72
C LEU B 221 30.36 15.85 -1.52
N LEU B 222 31.56 16.10 -0.99
CA LEU B 222 32.01 15.45 0.24
C LEU B 222 31.21 15.94 1.44
N ARG B 223 30.94 17.26 1.51
CA ARG B 223 30.14 17.81 2.58
C ARG B 223 28.72 17.32 2.56
N ALA B 224 28.29 16.71 1.45
CA ALA B 224 26.99 16.04 1.42
C ALA B 224 26.91 14.88 2.40
N ILE B 225 28.03 14.41 2.93
CA ILE B 225 28.03 13.34 3.92
C ILE B 225 27.58 13.88 5.28
N PRO B 226 28.25 14.88 5.88
CA PRO B 226 27.75 15.41 7.15
C PRO B 226 26.35 15.99 7.05
N VAL B 227 26.06 16.71 5.97
CA VAL B 227 24.72 17.28 5.83
C VAL B 227 23.70 16.19 5.53
N GLY B 228 24.12 15.11 4.85
CA GLY B 228 23.22 13.99 4.65
C GLY B 228 22.88 13.30 5.95
N ILE B 229 23.85 13.22 6.86
CA ILE B 229 23.57 12.67 8.19
C ILE B 229 22.66 13.60 8.98
N GLY B 230 22.93 14.90 8.93
CA GLY B 230 22.10 15.86 9.64
C GLY B 230 20.70 15.99 9.08
N GLN B 231 20.48 15.59 7.82
CA GLN B 231 19.18 15.68 7.19
C GLN B 231 18.20 14.63 7.68
N VAL B 232 18.66 13.68 8.51
CA VAL B 232 17.73 12.73 9.13
C VAL B 232 16.69 13.48 9.94
N TYR B 233 17.13 14.50 10.68
CA TYR B 233 16.26 15.33 11.49
C TYR B 233 15.74 16.54 10.72
N GLY B 234 16.05 16.67 9.44
CA GLY B 234 15.60 17.79 8.65
C GLY B 234 16.54 18.96 8.57
N CYS B 235 17.66 18.92 9.30
CA CYS B 235 18.58 20.05 9.36
C CYS B 235 19.62 19.94 8.25
N ASP B 236 19.82 21.05 7.53
CA ASP B 236 20.72 21.12 6.40
C ASP B 236 22.04 21.81 6.71
N ASN B 237 22.34 22.02 7.97
CA ASN B 237 23.54 22.75 8.36
C ASN B 237 24.67 21.76 8.61
N PRO B 238 25.81 21.89 7.91
CA PRO B 238 26.90 20.91 8.10
C PRO B 238 27.39 20.84 9.54
N TRP B 239 27.35 21.94 10.28
CA TRP B 239 27.68 21.89 11.70
C TRP B 239 26.70 21.00 12.46
N THR B 240 25.42 21.07 12.12
CA THR B 240 24.44 20.20 12.74
C THR B 240 24.73 18.73 12.43
N GLY B 241 25.10 18.44 11.18
CA GLY B 241 25.48 17.08 10.84
C GLY B 241 26.71 16.61 11.59
N GLY B 242 27.69 17.48 11.75
CA GLY B 242 28.88 17.12 12.51
C GLY B 242 28.57 16.85 13.97
N ILE B 243 27.68 17.65 14.56
CA ILE B 243 27.31 17.43 15.95
C ILE B 243 26.52 16.13 16.09
N PHE B 244 25.65 15.83 15.12
CA PHE B 244 24.95 14.56 15.13
C PHE B 244 25.93 13.39 15.02
N LEU B 245 26.97 13.56 14.22
CA LEU B 245 27.98 12.52 14.05
C LEU B 245 28.79 12.34 15.32
N ILE B 246 29.11 13.43 16.03
CA ILE B 246 29.75 13.32 17.33
C ILE B 246 28.85 12.58 18.31
N ALA B 247 27.56 12.89 18.29
CA ALA B 247 26.61 12.22 19.17
C ALA B 247 26.56 10.73 18.89
N LEU B 248 26.59 10.35 17.61
CA LEU B 248 26.64 8.92 17.27
C LEU B 248 27.94 8.29 17.74
N PHE B 249 29.06 8.97 17.53
CA PHE B 249 30.37 8.40 17.86
C PHE B 249 30.52 8.19 19.35
N ILE B 250 29.93 9.07 20.17
CA ILE B 250 30.03 8.92 21.62
C ILE B 250 29.41 7.60 22.06
N SER B 251 28.29 7.21 21.45
CA SER B 251 27.62 5.98 21.85
C SER B 251 28.27 4.76 21.23
N SER B 252 28.34 4.71 19.90
CA SER B 252 28.93 3.57 19.22
C SER B 252 29.63 3.99 17.94
N PRO B 253 30.93 3.75 17.81
CA PRO B 253 31.64 4.13 16.59
C PRO B 253 31.12 3.45 15.33
N LEU B 254 30.60 2.23 15.44
CA LEU B 254 30.10 1.54 14.27
C LEU B 254 28.91 2.27 13.65
N ILE B 255 28.03 2.82 14.50
CA ILE B 255 26.90 3.59 13.99
C ILE B 255 27.39 4.83 13.25
N CYS B 256 28.40 5.51 13.79
CA CYS B 256 28.95 6.69 13.12
C CYS B 256 29.54 6.33 11.76
N LEU B 257 30.33 5.25 11.71
CA LEU B 257 30.93 4.83 10.46
C LEU B 257 29.87 4.45 9.44
N HIS B 258 28.85 3.73 9.88
CA HIS B 258 27.80 3.31 8.96
C HIS B 258 26.97 4.49 8.48
N ALA B 259 26.76 5.49 9.34
CA ALA B 259 26.07 6.69 8.88
C ALA B 259 26.89 7.43 7.83
N ALA B 260 28.20 7.55 8.05
CA ALA B 260 29.05 8.23 7.07
C ALA B 260 29.03 7.51 5.73
N ILE B 261 29.21 6.18 5.75
CA ILE B 261 29.21 5.46 4.48
C ILE B 261 27.82 5.38 3.88
N GLY B 262 26.76 5.49 4.68
CA GLY B 262 25.43 5.60 4.13
C GLY B 262 25.21 6.89 3.38
N SER B 263 25.67 8.02 3.95
CA SER B 263 25.64 9.27 3.19
C SER B 263 26.45 9.16 1.91
N THR B 264 27.61 8.52 1.98
CA THR B 264 28.43 8.37 0.78
C THR B 264 27.70 7.55 -0.28
N MET B 265 27.06 6.45 0.13
CA MET B 265 26.32 5.64 -0.83
C MET B 265 25.13 6.41 -1.41
N GLY B 266 24.47 7.22 -0.58
CA GLY B 266 23.36 8.01 -1.08
C GLY B 266 23.79 9.03 -2.13
N MET B 267 24.86 9.76 -1.84
CA MET B 267 25.36 10.72 -2.82
C MET B 267 25.85 10.03 -4.09
N LEU B 268 26.49 8.87 -3.95
CA LEU B 268 26.96 8.16 -5.13
C LEU B 268 25.80 7.66 -5.98
N ALA B 269 24.74 7.13 -5.35
CA ALA B 269 23.56 6.71 -6.09
C ALA B 269 22.90 7.89 -6.79
N ALA B 270 22.79 9.02 -6.10
CA ALA B 270 22.24 10.23 -6.72
C ALA B 270 23.06 10.65 -7.92
N LEU B 271 24.38 10.53 -7.83
CA LEU B 271 25.23 10.82 -8.99
C LEU B 271 24.96 9.83 -10.12
N THR B 272 24.74 8.56 -9.78
CA THR B 272 24.54 7.55 -10.83
C THR B 272 23.21 7.73 -11.55
N ILE B 273 22.19 8.28 -10.88
CA ILE B 273 20.91 8.45 -11.56
C ILE B 273 20.66 9.90 -11.93
N ALA B 274 21.74 10.67 -12.08
CA ALA B 274 21.69 12.05 -12.60
C ALA B 274 20.77 12.94 -11.77
N THR B 275 20.91 12.85 -10.45
CA THR B 275 20.17 13.75 -9.58
C THR B 275 20.80 15.14 -9.62
N PRO B 276 19.99 16.20 -9.66
CA PRO B 276 20.56 17.55 -9.69
C PRO B 276 21.46 17.79 -8.48
N PHE B 277 22.53 18.54 -8.70
CA PHE B 277 23.57 18.67 -7.70
C PHE B 277 23.10 19.42 -6.46
N ASP B 278 22.08 20.29 -6.61
CA ASP B 278 21.59 21.04 -5.46
C ASP B 278 20.99 20.11 -4.41
N SER B 279 20.25 19.09 -4.85
CA SER B 279 19.69 18.13 -3.91
C SER B 279 20.79 17.34 -3.19
N ILE B 280 21.85 16.97 -3.92
CA ILE B 280 22.95 16.25 -3.30
C ILE B 280 23.66 17.13 -2.28
N TYR B 281 23.96 18.37 -2.64
CA TYR B 281 24.65 19.27 -1.72
C TYR B 281 23.80 19.54 -0.49
N PHE B 282 22.48 19.69 -0.69
CA PHE B 282 21.57 19.92 0.41
C PHE B 282 21.49 18.72 1.36
N GLY B 283 21.86 17.54 0.89
CA GLY B 283 21.83 16.35 1.71
C GLY B 283 20.55 15.57 1.68
N LEU B 284 19.65 15.86 0.75
CA LEU B 284 18.36 15.18 0.70
C LEU B 284 18.45 13.77 0.13
N CYS B 285 19.58 13.39 -0.46
CA CYS B 285 19.73 12.09 -1.08
C CYS B 285 20.44 11.08 -0.20
N GLY B 286 20.71 11.42 1.06
CA GLY B 286 21.52 10.55 1.89
C GLY B 286 20.89 10.00 3.14
N PHE B 287 19.97 10.75 3.77
CA PHE B 287 19.55 10.42 5.13
C PHE B 287 18.90 9.04 5.21
N ASN B 288 18.09 8.68 4.21
CA ASN B 288 17.54 7.33 4.17
C ASN B 288 18.65 6.30 4.10
N SER B 289 19.66 6.56 3.27
CA SER B 289 20.78 5.63 3.16
C SER B 289 21.58 5.55 4.45
N THR B 290 21.79 6.69 5.13
CA THR B 290 22.51 6.66 6.40
C THR B 290 21.78 5.80 7.40
N LEU B 291 20.47 6.03 7.55
CA LEU B 291 19.69 5.27 8.51
C LEU B 291 19.69 3.80 8.15
N ALA B 292 19.52 3.48 6.86
CA ALA B 292 19.49 2.07 6.44
C ALA B 292 20.82 1.38 6.74
N CYS B 293 21.93 2.06 6.47
CA CYS B 293 23.24 1.47 6.76
C CYS B 293 23.43 1.28 8.26
N ILE B 294 22.93 2.21 9.07
CA ILE B 294 22.99 2.03 10.52
C ILE B 294 22.19 0.82 10.94
N ALA B 295 20.96 0.68 10.40
CA ALA B 295 20.05 -0.35 10.87
C ALA B 295 20.53 -1.75 10.48
N ILE B 296 20.84 -1.94 9.20
CA ILE B 296 21.19 -3.29 8.75
C ILE B 296 22.60 -3.65 9.21
N GLY B 297 23.54 -2.72 9.11
CA GLY B 297 24.92 -3.00 9.44
C GLY B 297 25.30 -2.88 10.90
N GLY B 298 24.91 -3.85 11.72
CA GLY B 298 25.40 -3.88 13.08
C GLY B 298 24.31 -3.77 14.13
N MET B 299 23.32 -2.91 13.89
CA MET B 299 22.29 -2.68 14.89
C MET B 299 21.40 -3.90 15.06
N PHE B 300 20.91 -4.47 13.95
CA PHE B 300 20.04 -5.63 14.00
C PHE B 300 20.77 -6.89 13.55
N TYR B 301 21.35 -6.88 12.35
CA TYR B 301 22.27 -7.94 11.97
C TYR B 301 23.57 -7.78 12.76
N VAL B 302 24.12 -8.89 13.23
CA VAL B 302 25.42 -8.82 13.88
C VAL B 302 26.46 -8.35 12.88
N ILE B 303 27.43 -7.57 13.36
CA ILE B 303 28.35 -6.88 12.48
C ILE B 303 29.44 -7.84 12.00
N THR B 304 29.44 -8.12 10.69
CA THR B 304 30.50 -8.85 10.03
C THR B 304 30.77 -8.14 8.71
N TRP B 305 31.72 -8.67 7.94
CA TRP B 305 31.98 -8.08 6.63
C TRP B 305 30.82 -8.34 5.67
N GLN B 306 30.10 -9.45 5.82
CA GLN B 306 28.95 -9.78 4.99
C GLN B 306 27.82 -8.91 5.35
N THR B 307 27.64 -8.61 6.63
CA THR B 307 26.62 -7.66 7.06
C THR B 307 26.99 -6.24 6.66
N HIS B 308 28.28 -5.91 6.65
CA HIS B 308 28.71 -4.60 6.16
C HIS B 308 28.36 -4.40 4.69
N LEU B 309 28.64 -5.43 3.87
CA LEU B 309 28.27 -5.36 2.47
C LEU B 309 26.75 -5.29 2.29
N LEU B 310 26.01 -6.03 3.12
CA LEU B 310 24.56 -5.98 3.05
C LEU B 310 24.04 -4.59 3.44
N ALA B 311 24.72 -3.95 4.40
CA ALA B 311 24.33 -2.58 4.79
C ALA B 311 24.61 -1.60 3.67
N ILE B 312 25.74 -1.75 2.97
CA ILE B 312 26.01 -0.90 1.81
C ILE B 312 24.96 -1.11 0.73
N ALA B 313 24.59 -2.37 0.48
CA ALA B 313 23.55 -2.67 -0.49
C ALA B 313 22.21 -2.07 -0.08
N CYS B 314 21.89 -2.13 1.23
CA CYS B 314 20.65 -1.54 1.71
C CYS B 314 20.68 -0.02 1.59
N ALA B 315 21.84 0.60 1.79
CA ALA B 315 21.95 2.04 1.57
C ALA B 315 21.70 2.39 0.11
N LEU B 316 22.25 1.61 -0.81
CA LEU B 316 22.01 1.87 -2.23
C LEU B 316 20.55 1.67 -2.60
N PHE B 317 19.94 0.59 -2.10
CA PHE B 317 18.53 0.33 -2.37
C PHE B 317 17.66 1.43 -1.78
N ALA B 318 18.02 1.92 -0.60
CA ALA B 318 17.25 2.98 0.04
C ALA B 318 17.41 4.30 -0.72
N ALA B 319 18.58 4.55 -1.28
CA ALA B 319 18.77 5.77 -2.07
C ALA B 319 17.94 5.72 -3.36
N TYR B 320 17.98 4.58 -4.06
CA TYR B 320 17.19 4.46 -5.29
C TYR B 320 15.70 4.52 -4.99
N LEU B 321 15.27 3.85 -3.92
CA LEU B 321 13.87 3.93 -3.52
C LEU B 321 13.51 5.33 -3.03
N GLY B 322 14.47 6.08 -2.50
CA GLY B 322 14.22 7.45 -2.12
C GLY B 322 13.97 8.33 -3.32
N ALA B 323 14.77 8.15 -4.38
CA ALA B 323 14.48 8.87 -5.62
C ALA B 323 13.12 8.47 -6.18
N ALA B 324 12.80 7.16 -6.15
CA ALA B 324 11.52 6.70 -6.65
C ALA B 324 10.36 7.31 -5.88
N LEU B 325 10.44 7.30 -4.55
CA LEU B 325 9.36 7.80 -3.72
C LEU B 325 9.27 9.32 -3.75
N ALA B 326 10.40 10.00 -3.94
CA ALA B 326 10.36 11.44 -4.15
C ALA B 326 9.64 11.78 -5.45
N ASN B 327 9.91 11.02 -6.51
CA ASN B 327 9.25 11.29 -7.78
C ASN B 327 7.78 10.92 -7.73
N MET B 328 7.44 9.86 -7.01
CA MET B 328 6.04 9.45 -6.89
C MET B 328 5.26 10.42 -6.02
N LEU B 329 5.66 10.56 -4.76
CA LEU B 329 4.94 11.38 -3.80
C LEU B 329 4.95 12.85 -4.16
N SER B 330 5.83 13.28 -5.07
CA SER B 330 5.81 14.67 -5.51
C SER B 330 4.55 15.01 -6.28
N VAL B 331 3.86 14.00 -6.83
CA VAL B 331 2.57 14.25 -7.46
C VAL B 331 1.56 14.75 -6.44
N PHE B 332 1.55 14.13 -5.26
CA PHE B 332 0.68 14.56 -4.17
C PHE B 332 1.19 15.83 -3.49
N GLY B 333 2.39 16.28 -3.81
CA GLY B 333 3.01 17.34 -3.05
C GLY B 333 3.62 16.88 -1.75
N LEU B 334 4.05 15.63 -1.68
CA LEU B 334 4.58 15.04 -0.45
C LEU B 334 6.06 14.74 -0.59
N PRO B 335 6.81 14.76 0.52
CA PRO B 335 8.22 14.40 0.48
C PRO B 335 8.41 12.92 0.78
N PRO B 336 9.57 12.35 0.45
CA PRO B 336 9.87 10.96 0.82
C PRO B 336 10.44 10.87 2.24
N CYS B 337 9.61 11.23 3.20
CA CYS B 337 10.03 11.39 4.59
C CYS B 337 10.23 10.02 5.22
N THR B 338 11.46 9.50 5.14
CA THR B 338 11.84 8.20 5.75
C THR B 338 11.07 6.96 5.30
N TRP B 339 10.36 7.05 4.18
CA TRP B 339 9.70 5.89 3.62
C TRP B 339 10.72 4.91 3.03
N PRO B 340 11.71 5.39 2.24
CA PRO B 340 12.73 4.45 1.74
C PRO B 340 13.44 3.70 2.83
N PHE B 341 13.69 4.35 3.95
CA PHE B 341 14.30 3.66 5.05
C PHE B 341 13.41 2.52 5.52
N CYS B 342 12.13 2.77 5.82
CA CYS B 342 11.29 1.72 6.36
C CYS B 342 11.20 0.56 5.37
N LEU B 343 10.95 0.87 4.10
CA LEU B 343 10.78 -0.20 3.11
C LEU B 343 12.06 -1.00 2.91
N SER B 344 13.20 -0.32 2.75
CA SER B 344 14.46 -1.02 2.49
C SER B 344 14.95 -1.79 3.71
N ALA B 345 14.90 -1.18 4.89
CA ALA B 345 15.33 -1.88 6.10
C ALA B 345 14.44 -3.08 6.38
N LEU B 346 13.13 -2.96 6.13
CA LEU B 346 12.25 -4.10 6.35
C LEU B 346 12.48 -5.20 5.32
N THR B 347 12.74 -4.83 4.06
CA THR B 347 12.98 -5.86 3.05
C THR B 347 14.35 -6.48 3.16
N PHE B 348 15.27 -5.86 3.90
CA PHE B 348 16.56 -6.49 4.16
C PHE B 348 16.59 -7.23 5.50
N LEU B 349 15.73 -6.87 6.44
CA LEU B 349 15.60 -7.64 7.67
C LEU B 349 14.81 -8.92 7.45
N LEU B 350 13.78 -8.86 6.59
CA LEU B 350 13.03 -10.05 6.22
C LEU B 350 13.84 -11.01 5.37
N LEU B 351 14.97 -10.57 4.83
CA LEU B 351 15.83 -11.44 4.03
C LEU B 351 16.28 -12.64 4.86
N THR B 352 16.14 -13.84 4.30
CA THR B 352 16.55 -15.07 4.93
C THR B 352 17.62 -15.73 4.07
N THR B 353 18.80 -15.96 4.64
CA THR B 353 19.92 -16.54 3.92
C THR B 353 20.44 -17.74 4.69
N ASN B 354 20.97 -18.71 3.96
CA ASN B 354 21.62 -19.87 4.56
C ASN B 354 23.04 -19.57 4.99
N ASN B 355 23.41 -18.30 5.08
CA ASN B 355 24.75 -17.91 5.48
C ASN B 355 24.79 -17.69 6.99
N PRO B 356 25.57 -18.46 7.73
CA PRO B 356 25.62 -18.26 9.19
C PRO B 356 26.18 -16.91 9.61
N ALA B 357 26.92 -16.22 8.74
CA ALA B 357 27.47 -14.93 9.11
C ALA B 357 26.40 -13.84 9.09
N ILE B 358 25.39 -13.99 8.24
CA ILE B 358 24.27 -13.04 8.20
C ILE B 358 23.25 -13.53 9.22
N TYR B 359 23.37 -13.04 10.44
CA TYR B 359 22.53 -13.46 11.55
C TYR B 359 21.73 -12.27 12.05
N LYS B 360 20.43 -12.48 12.23
CA LYS B 360 19.52 -11.43 12.68
C LYS B 360 19.24 -11.61 14.16
N LEU B 361 19.56 -10.60 14.94
CA LEU B 361 19.37 -10.68 16.38
C LEU B 361 17.91 -10.50 16.74
N PRO B 362 17.44 -11.16 17.80
CA PRO B 362 16.10 -10.88 18.32
C PRO B 362 16.02 -9.43 18.80
N LEU B 363 14.87 -8.80 18.55
CA LEU B 363 14.70 -7.41 18.96
C LEU B 363 14.81 -7.26 20.47
N SER B 364 14.47 -8.29 21.23
CA SER B 364 14.53 -8.21 22.68
C SER B 364 15.96 -8.10 23.20
N LYS B 365 16.95 -8.40 22.35
CA LYS B 365 18.35 -8.38 22.77
C LYS B 365 19.19 -7.54 21.82
N VAL B 366 18.63 -6.44 21.34
CA VAL B 366 19.31 -5.55 20.40
C VAL B 366 19.77 -4.31 21.15
N THR B 367 21.01 -3.92 20.92
CA THR B 367 21.64 -2.77 21.55
C THR B 367 22.61 -2.23 20.50
N TYR B 368 23.57 -1.41 20.91
CA TYR B 368 24.53 -0.88 19.95
CA TYR B 368 24.47 -0.93 19.89
C TYR B 368 25.37 -2.02 19.37
N PRO B 369 25.85 -1.87 18.12
CA PRO B 369 26.44 -3.02 17.41
C PRO B 369 27.59 -3.72 18.13
N GLU B 370 28.41 -2.99 18.88
CA GLU B 370 29.50 -3.64 19.60
C GLU B 370 28.95 -4.62 20.65
N ALA B 371 27.96 -4.18 21.43
CA ALA B 371 27.32 -5.07 22.38
C ALA B 371 26.58 -6.20 21.69
N ASN B 372 26.02 -5.94 20.51
CA ASN B 372 25.37 -7.00 19.73
C ASN B 372 26.37 -8.09 19.38
N ARG B 373 27.55 -7.72 18.89
CA ARG B 373 28.53 -8.73 18.53
C ARG B 373 29.07 -9.46 19.76
N ILE B 374 29.28 -8.73 20.86
CA ILE B 374 29.76 -9.40 22.08
C ILE B 374 28.72 -10.41 22.55
N TYR B 375 27.45 -10.03 22.56
CA TYR B 375 26.39 -10.95 22.96
C TYR B 375 26.33 -12.15 22.03
N TYR B 376 26.45 -11.93 20.71
CA TYR B 376 26.36 -13.04 19.78
C TYR B 376 27.54 -13.98 19.89
N LEU B 377 28.75 -13.46 20.12
CA LEU B 377 29.90 -14.32 20.30
C LEU B 377 29.82 -15.08 21.61
N SER B 378 29.28 -14.45 22.66
CA SER B 378 29.07 -15.17 23.90
C SER B 378 27.93 -16.18 23.76
N GLN B 379 27.00 -15.94 22.85
CA GLN B 379 25.89 -16.85 22.56
C GLN B 379 25.04 -17.11 23.80
N SER C 52 28.61 -30.00 -14.93
CA SER C 52 29.51 -28.84 -14.95
C SER C 52 28.77 -27.60 -14.48
N PRO C 53 29.46 -26.75 -13.73
CA PRO C 53 28.79 -25.54 -13.20
C PRO C 53 28.23 -24.64 -14.28
N VAL C 54 28.90 -24.51 -15.42
CA VAL C 54 28.44 -23.58 -16.46
C VAL C 54 27.14 -24.08 -17.08
N PHE C 55 27.10 -25.35 -17.47
CA PHE C 55 25.89 -25.89 -18.07
C PHE C 55 24.74 -25.96 -17.07
N GLN C 56 25.04 -26.26 -15.80
CA GLN C 56 24.00 -26.23 -14.77
C GLN C 56 23.44 -24.82 -14.60
N PHE C 57 24.31 -23.82 -14.59
CA PHE C 57 23.85 -22.45 -14.45
C PHE C 57 23.00 -22.02 -15.64
N PHE C 58 23.39 -22.42 -16.84
CA PHE C 58 22.60 -22.06 -18.01
C PHE C 58 21.27 -22.80 -18.02
N ASP C 59 21.23 -24.03 -17.52
CA ASP C 59 19.96 -24.71 -17.32
C ASP C 59 19.08 -23.95 -16.34
N TRP C 60 19.67 -23.44 -15.26
CA TRP C 60 18.92 -22.65 -14.30
C TRP C 60 18.36 -21.39 -14.92
N VAL C 61 19.16 -20.68 -15.74
CA VAL C 61 18.65 -19.45 -16.34
C VAL C 61 17.57 -19.75 -17.37
N LEU C 62 17.68 -20.87 -18.10
CA LEU C 62 16.61 -21.24 -19.02
C LEU C 62 15.32 -21.55 -18.26
N ARG C 63 15.43 -22.28 -17.15
CA ARG C 63 14.25 -22.56 -16.34
C ARG C 63 13.64 -21.29 -15.79
N GLY C 64 14.49 -20.34 -15.38
CA GLY C 64 13.98 -19.05 -14.93
C GLY C 64 13.25 -18.31 -16.03
N THR C 65 13.81 -18.30 -17.24
CA THR C 65 13.13 -17.65 -18.35
C THR C 65 11.77 -18.27 -18.59
N SER C 66 11.66 -19.60 -18.49
CA SER C 66 10.38 -20.25 -18.71
C SER C 66 9.42 -20.01 -17.55
N GLN C 67 9.93 -19.83 -16.33
CA GLN C 67 9.08 -19.84 -15.13
C GLN C 67 8.16 -18.63 -15.02
N VAL C 68 8.31 -17.62 -15.87
CA VAL C 68 7.40 -16.47 -15.81
C VAL C 68 5.97 -16.94 -16.02
N MET C 69 5.77 -17.92 -16.91
CA MET C 69 4.46 -18.49 -17.18
C MET C 69 4.25 -19.82 -16.47
N PHE C 70 4.79 -20.00 -15.30
CA PHE C 70 4.59 -21.18 -14.51
C PHE C 70 5.14 -22.50 -15.00
N VAL C 71 5.81 -22.52 -16.14
CA VAL C 71 6.44 -23.72 -16.72
C VAL C 71 7.93 -23.82 -16.39
N ASN C 72 8.44 -24.97 -15.94
CA ASN C 72 9.87 -25.17 -15.60
C ASN C 72 10.77 -25.79 -16.64
N ASN C 73 10.27 -26.31 -17.75
CA ASN C 73 11.12 -27.00 -18.67
C ASN C 73 12.14 -26.10 -19.28
N PRO C 74 13.37 -26.58 -19.51
CA PRO C 74 14.42 -25.82 -20.17
C PRO C 74 14.14 -25.59 -21.65
N LEU C 75 13.63 -26.54 -22.41
CA LEU C 75 13.23 -26.35 -23.80
C LEU C 75 12.24 -25.21 -23.93
N SER C 76 11.31 -25.09 -22.98
CA SER C 76 10.41 -23.95 -22.95
C SER C 76 11.19 -22.65 -22.80
N GLY C 77 12.22 -22.66 -21.97
CA GLY C 77 13.05 -21.47 -21.83
C GLY C 77 13.76 -21.11 -23.12
N ILE C 78 14.27 -22.10 -23.83
CA ILE C 78 14.91 -21.84 -25.13
C ILE C 78 13.91 -21.25 -26.10
N LEU C 79 12.69 -21.78 -26.12
CA LEU C 79 11.69 -21.24 -27.04
C LEU C 79 11.29 -19.82 -26.66
N ILE C 80 11.15 -19.54 -25.36
CA ILE C 80 10.84 -18.17 -24.94
C ILE C 80 11.96 -17.21 -25.35
N ILE C 81 13.21 -17.63 -25.14
CA ILE C 81 14.35 -16.79 -25.49
C ILE C 81 14.39 -16.56 -27.01
N LEU C 82 14.10 -17.60 -27.79
CA LEU C 82 14.07 -17.43 -29.24
C LEU C 82 12.95 -16.47 -29.66
N GLY C 83 11.79 -16.58 -29.03
CA GLY C 83 10.70 -15.67 -29.36
C GLY C 83 11.02 -14.22 -29.04
N LEU C 84 11.61 -13.98 -27.87
CA LEU C 84 11.96 -12.63 -27.46
C LEU C 84 13.30 -12.17 -28.02
N PHE C 85 13.99 -13.03 -28.79
CA PHE C 85 14.99 -12.56 -29.75
C PHE C 85 14.35 -12.16 -31.06
N ILE C 86 13.31 -12.88 -31.47
CA ILE C 86 12.57 -12.53 -32.69
C ILE C 86 11.94 -11.15 -32.53
N GLN C 87 11.36 -10.87 -31.37
CA GLN C 87 10.77 -9.56 -31.13
C GLN C 87 11.82 -8.45 -31.23
N ASN C 88 12.81 -8.48 -30.35
CA ASN C 88 13.87 -7.48 -30.36
C ASN C 88 15.11 -8.04 -29.68
N PRO C 89 16.23 -8.18 -30.40
CA PRO C 89 17.43 -8.73 -29.77
C PRO C 89 17.95 -7.93 -28.60
N TRP C 90 17.76 -6.61 -28.59
CA TRP C 90 18.22 -5.81 -27.46
C TRP C 90 17.46 -6.17 -26.19
N TRP C 91 16.14 -6.34 -26.30
CA TRP C 91 15.37 -6.77 -25.15
C TRP C 91 15.80 -8.16 -24.69
N ALA C 92 16.16 -9.01 -25.65
CA ALA C 92 16.64 -10.35 -25.31
C ALA C 92 17.93 -10.28 -24.52
N ILE C 93 18.87 -9.45 -24.96
CA ILE C 93 20.14 -9.31 -24.25
C ILE C 93 19.92 -8.77 -22.85
N SER C 94 19.08 -7.74 -22.73
CA SER C 94 18.82 -7.17 -21.41
C SER C 94 18.15 -8.17 -20.48
N GLY C 95 17.16 -8.91 -20.99
CA GLY C 95 16.48 -9.88 -20.15
C GLY C 95 17.37 -11.04 -19.73
N CYS C 96 18.21 -11.53 -20.65
CA CYS C 96 19.14 -12.59 -20.28
C CYS C 96 20.15 -12.10 -19.27
N LEU C 97 20.63 -10.87 -19.42
CA LEU C 97 21.53 -10.31 -18.41
C LEU C 97 20.84 -10.21 -17.06
N GLY C 98 19.57 -9.80 -17.05
CA GLY C 98 18.83 -9.75 -15.80
C GLY C 98 18.70 -11.10 -15.15
N THR C 99 18.37 -12.13 -15.93
CA THR C 99 18.25 -13.48 -15.39
C THR C 99 19.58 -13.96 -14.82
N ILE C 100 20.66 -13.74 -15.57
CA ILE C 100 21.98 -14.20 -15.14
C ILE C 100 22.38 -13.52 -13.84
N MET C 101 22.18 -12.21 -13.75
CA MET C 101 22.59 -11.48 -12.56
C MET C 101 21.71 -11.84 -11.37
N SER C 102 20.40 -12.05 -11.59
CA SER C 102 19.52 -12.44 -10.50
C SER C 102 19.89 -13.82 -9.96
N THR C 103 20.16 -14.78 -10.85
CA THR C 103 20.56 -16.11 -10.40
C THR C 103 21.91 -16.07 -9.69
N LEU C 104 22.85 -15.26 -10.19
CA LEU C 104 24.13 -15.12 -9.51
C LEU C 104 23.95 -14.52 -8.12
N THR C 105 23.09 -13.53 -7.99
CA THR C 105 22.81 -12.95 -6.68
C THR C 105 22.19 -13.97 -5.74
N ALA C 106 21.25 -14.76 -6.24
CA ALA C 106 20.65 -15.80 -5.41
C ALA C 106 21.69 -16.83 -4.99
N LEU C 107 22.68 -17.10 -5.84
CA LEU C 107 23.76 -18.00 -5.46
C LEU C 107 24.63 -17.39 -4.37
N ILE C 108 25.02 -16.13 -4.54
CA ILE C 108 25.92 -15.49 -3.57
C ILE C 108 25.21 -15.02 -2.32
N LEU C 109 23.89 -15.07 -2.29
CA LEU C 109 23.13 -14.76 -1.08
C LEU C 109 22.74 -16.01 -0.30
N SER C 110 23.32 -17.17 -0.66
CA SER C 110 23.05 -18.43 0.03
C SER C 110 21.56 -18.75 0.04
N GLN C 111 20.89 -18.51 -1.08
CA GLN C 111 19.49 -18.89 -1.21
C GLN C 111 19.39 -20.40 -1.44
N ASP C 112 18.17 -20.91 -1.32
CA ASP C 112 17.93 -22.34 -1.47
C ASP C 112 18.33 -22.81 -2.86
N LYS C 113 19.12 -23.89 -2.92
CA LYS C 113 19.59 -24.39 -4.20
C LYS C 113 18.55 -25.22 -4.93
N SER C 114 17.55 -25.75 -4.23
CA SER C 114 16.46 -26.44 -4.90
C SER C 114 15.44 -25.48 -5.51
N ALA C 115 15.49 -24.21 -5.12
CA ALA C 115 14.65 -23.19 -5.75
C ALA C 115 15.37 -22.44 -6.86
N ILE C 116 16.69 -22.25 -6.72
CA ILE C 116 17.47 -21.68 -7.82
C ILE C 116 17.46 -22.63 -9.01
N ALA C 117 17.61 -23.93 -8.76
CA ALA C 117 17.66 -24.90 -9.84
C ALA C 117 16.32 -25.06 -10.55
N ALA C 118 15.24 -24.56 -9.97
CA ALA C 118 13.94 -24.60 -10.60
C ALA C 118 13.58 -23.31 -11.31
N GLY C 119 14.50 -22.35 -11.36
CA GLY C 119 14.24 -21.08 -12.03
C GLY C 119 13.40 -20.11 -11.24
N PHE C 120 13.22 -20.32 -9.94
N PHE C 120 13.23 -20.32 -9.95
CA PHE C 120 12.40 -19.42 -9.14
CA PHE C 120 12.40 -19.43 -9.14
C PHE C 120 13.08 -18.08 -8.92
C PHE C 120 13.08 -18.10 -8.88
N HIS C 121 14.41 -18.04 -8.93
CA HIS C 121 15.14 -16.81 -8.70
C HIS C 121 15.61 -16.16 -9.99
N GLY C 122 15.15 -16.63 -11.13
CA GLY C 122 15.56 -16.08 -12.40
C GLY C 122 14.43 -15.52 -13.23
N TYR C 123 13.19 -15.92 -12.93
CA TYR C 123 12.05 -15.43 -13.69
C TYR C 123 11.68 -14.00 -13.34
N ASN C 124 12.19 -13.49 -12.22
CA ASN C 124 12.03 -12.08 -11.88
C ASN C 124 13.12 -11.21 -12.43
N GLY C 125 14.16 -11.79 -13.04
CA GLY C 125 15.22 -11.00 -13.64
C GLY C 125 15.01 -10.81 -15.13
N VAL C 126 14.49 -11.83 -15.80
CA VAL C 126 14.22 -11.72 -17.22
C VAL C 126 13.21 -10.62 -17.49
N LEU C 127 12.16 -10.56 -16.68
CA LEU C 127 11.15 -9.54 -16.86
C LEU C 127 11.70 -8.16 -16.56
N VAL C 128 12.53 -8.03 -15.51
CA VAL C 128 13.10 -6.73 -15.16
C VAL C 128 13.97 -6.21 -16.30
N GLY C 129 14.83 -7.07 -16.84
CA GLY C 129 15.65 -6.65 -17.97
C GLY C 129 14.80 -6.30 -19.19
N LEU C 130 13.82 -7.15 -19.51
CA LEU C 130 13.00 -6.92 -20.69
C LEU C 130 12.23 -5.60 -20.57
N LEU C 131 11.69 -5.33 -19.39
CA LEU C 131 10.82 -4.17 -19.21
C LEU C 131 11.58 -2.91 -18.85
N MET C 132 12.88 -2.98 -18.61
CA MET C 132 13.68 -1.77 -18.71
C MET C 132 14.22 -1.55 -20.12
N ALA C 133 14.31 -2.61 -20.93
CA ALA C 133 14.60 -2.42 -22.35
C ALA C 133 13.37 -1.98 -23.12
N VAL C 134 12.17 -2.18 -22.58
CA VAL C 134 10.94 -1.74 -23.23
C VAL C 134 10.66 -0.27 -22.92
N PHE C 135 10.69 0.09 -21.64
CA PHE C 135 10.44 1.46 -21.21
C PHE C 135 11.77 2.21 -21.12
N SER C 136 12.40 2.37 -22.29
CA SER C 136 13.65 3.11 -22.41
C SER C 136 13.54 3.99 -23.64
N ASP C 137 13.42 5.30 -23.43
CA ASP C 137 13.29 6.24 -24.54
C ASP C 137 14.58 6.39 -25.33
N LYS C 138 15.69 5.85 -24.84
CA LYS C 138 16.98 6.05 -25.49
C LYS C 138 17.15 5.21 -26.76
N GLY C 139 16.26 4.27 -27.01
CA GLY C 139 16.32 3.47 -28.22
C GLY C 139 17.08 2.18 -28.04
N ASP C 140 17.11 1.41 -29.12
CA ASP C 140 17.76 0.11 -29.09
C ASP C 140 19.27 0.25 -28.92
N TYR C 141 19.85 -0.74 -28.26
CA TYR C 141 21.31 -0.84 -28.08
C TYR C 141 21.87 0.41 -27.42
N TYR C 142 21.24 0.80 -26.31
CA TYR C 142 21.80 1.77 -25.38
C TYR C 142 22.50 0.97 -24.29
N TRP C 143 23.79 0.71 -24.49
CA TRP C 143 24.50 -0.27 -23.68
C TRP C 143 24.58 0.14 -22.21
N TRP C 144 24.60 1.44 -21.93
CA TRP C 144 24.65 1.89 -20.55
C TRP C 144 23.45 1.39 -19.75
N LEU C 145 22.33 1.14 -20.42
CA LEU C 145 21.15 0.63 -19.75
C LEU C 145 21.41 -0.73 -19.10
N LEU C 146 22.42 -1.46 -19.55
CA LEU C 146 22.74 -2.72 -18.91
C LEU C 146 23.23 -2.54 -17.49
N LEU C 147 23.80 -1.38 -17.17
CA LEU C 147 24.26 -1.15 -15.80
C LEU C 147 23.12 -1.15 -14.79
N PRO C 148 22.01 -0.42 -14.99
CA PRO C 148 20.86 -0.63 -14.11
C PRO C 148 20.33 -2.06 -14.17
N VAL C 149 20.33 -2.67 -15.36
CA VAL C 149 19.73 -3.99 -15.52
C VAL C 149 20.40 -4.99 -14.58
N ILE C 150 21.70 -4.85 -14.37
CA ILE C 150 22.38 -5.65 -13.36
C ILE C 150 21.86 -5.28 -11.98
N ILE C 151 22.02 -4.01 -11.59
CA ILE C 151 21.79 -3.61 -10.21
C ILE C 151 20.37 -3.95 -9.78
N MET C 152 19.38 -3.53 -10.58
CA MET C 152 17.99 -3.81 -10.24
C MET C 152 17.75 -5.31 -10.16
N SER C 153 18.31 -6.08 -11.10
CA SER C 153 18.13 -7.53 -11.06
C SER C 153 18.70 -8.11 -9.77
N MET C 154 19.80 -7.53 -9.28
CA MET C 154 20.39 -8.05 -8.05
C MET C 154 19.46 -7.88 -6.86
N SER C 155 18.50 -6.96 -6.94
CA SER C 155 17.55 -6.78 -5.86
C SER C 155 16.33 -7.69 -5.99
N CYS C 156 16.18 -8.39 -7.10
CA CYS C 156 15.05 -9.31 -7.25
C CYS C 156 15.10 -10.46 -6.26
N PRO C 157 16.22 -11.16 -6.04
CA PRO C 157 16.21 -12.23 -5.03
C PRO C 157 15.85 -11.74 -3.64
N ILE C 158 16.39 -10.60 -3.21
CA ILE C 158 16.16 -10.13 -1.85
C ILE C 158 14.67 -9.96 -1.60
N LEU C 159 13.99 -9.25 -2.49
CA LEU C 159 12.54 -9.14 -2.38
C LEU C 159 11.90 -10.52 -2.42
N SER C 160 12.32 -11.35 -3.38
CA SER C 160 11.76 -12.68 -3.51
C SER C 160 12.01 -13.52 -2.28
N SER C 161 12.95 -13.11 -1.43
CA SER C 161 13.08 -13.74 -0.12
C SER C 161 12.23 -13.01 0.92
N ALA C 162 12.33 -11.68 0.96
CA ALA C 162 11.68 -10.94 2.02
C ALA C 162 10.17 -11.14 1.99
N LEU C 163 9.56 -10.90 0.82
CA LEU C 163 8.13 -11.13 0.68
C LEU C 163 7.78 -12.58 0.95
N GLY C 164 8.67 -13.51 0.68
CA GLY C 164 8.40 -14.89 0.99
C GLY C 164 8.65 -15.23 2.43
N THR C 165 8.63 -14.27 3.32
CA THR C 165 8.76 -14.51 4.73
C THR C 165 7.49 -13.91 5.24
N ILE C 166 6.91 -12.97 4.52
CA ILE C 166 5.64 -12.38 4.89
C ILE C 166 4.53 -13.25 4.36
N PHE C 167 4.75 -13.97 3.27
CA PHE C 167 3.72 -14.74 2.60
C PHE C 167 3.79 -16.19 2.90
N SER C 168 4.81 -16.68 3.56
CA SER C 168 4.93 -18.13 3.78
C SER C 168 4.16 -18.53 4.93
N LYS C 169 3.51 -17.58 5.56
CA LYS C 169 2.69 -17.85 6.69
C LYS C 169 1.32 -18.16 6.25
N TRP C 170 1.00 -17.87 5.01
CA TRP C 170 -0.32 -18.08 4.50
C TRP C 170 -0.12 -18.97 3.32
N ASP C 171 1.12 -19.37 3.10
CA ASP C 171 1.45 -20.27 2.01
C ASP C 171 1.03 -19.70 0.66
N LEU C 172 1.55 -18.51 0.36
CA LEU C 172 1.35 -17.87 -0.92
C LEU C 172 2.69 -17.70 -1.63
N PRO C 173 2.70 -17.81 -2.95
CA PRO C 173 3.93 -17.52 -3.69
C PRO C 173 4.11 -16.02 -3.92
N VAL C 174 5.37 -15.63 -4.04
CA VAL C 174 5.72 -14.25 -4.40
C VAL C 174 5.70 -14.21 -5.92
N PHE C 175 4.50 -13.98 -6.47
CA PHE C 175 4.23 -14.22 -7.87
C PHE C 175 5.18 -13.46 -8.80
N THR C 176 5.06 -12.14 -8.83
CA THR C 176 5.90 -11.32 -9.67
C THR C 176 6.25 -10.03 -8.93
N LEU C 177 5.94 -9.97 -7.63
CA LEU C 177 6.18 -8.77 -6.84
C LEU C 177 7.63 -8.29 -6.86
N PRO C 178 8.67 -9.14 -6.85
CA PRO C 178 10.03 -8.61 -7.05
C PRO C 178 10.18 -7.76 -8.30
N PHE C 179 9.67 -8.27 -9.42
CA PHE C 179 9.68 -7.48 -10.63
C PHE C 179 8.87 -6.21 -10.44
N ASN C 180 7.66 -6.28 -9.89
CA ASN C 180 6.83 -5.09 -9.81
C ASN C 180 7.52 -4.01 -8.99
N ILE C 181 7.99 -4.35 -7.80
CA ILE C 181 8.64 -3.37 -6.94
C ILE C 181 9.88 -2.81 -7.61
N THR C 182 10.73 -3.69 -8.16
CA THR C 182 12.02 -3.25 -8.67
C THR C 182 11.87 -2.35 -9.89
N VAL C 183 11.10 -2.78 -10.90
CA VAL C 183 10.99 -1.95 -12.09
C VAL C 183 10.12 -0.73 -11.81
N THR C 184 9.16 -0.82 -10.89
CA THR C 184 8.38 0.37 -10.56
C THR C 184 9.24 1.43 -9.91
N LEU C 185 10.11 1.03 -8.98
CA LEU C 185 11.00 2.02 -8.37
C LEU C 185 12.08 2.48 -9.35
N TYR C 186 12.46 1.63 -10.30
CA TYR C 186 13.40 2.09 -11.33
C TYR C 186 12.78 3.14 -12.22
N LEU C 187 11.56 2.89 -12.70
CA LEU C 187 10.91 3.83 -13.62
C LEU C 187 10.45 5.09 -12.90
N ALA C 188 10.19 5.01 -11.60
CA ALA C 188 9.93 6.22 -10.84
C ALA C 188 11.21 7.00 -10.57
N ALA C 189 12.30 6.31 -10.21
CA ALA C 189 13.55 7.00 -9.91
C ALA C 189 14.11 7.70 -11.13
N THR C 190 14.10 7.03 -12.28
CA THR C 190 14.62 7.64 -13.50
C THR C 190 13.57 8.55 -14.15
N GLY C 191 12.46 7.98 -14.58
CA GLY C 191 11.40 8.75 -15.18
C GLY C 191 11.75 9.17 -16.60
N HIS C 192 10.78 9.83 -17.23
CA HIS C 192 10.99 10.31 -18.59
C HIS C 192 12.00 11.45 -18.63
N TYR C 193 12.03 12.28 -17.60
CA TYR C 193 12.94 13.44 -17.56
C TYR C 193 14.18 13.09 -16.75
N ASN C 194 15.00 12.23 -17.33
CA ASN C 194 16.28 11.85 -16.74
C ASN C 194 17.35 11.91 -17.82
N LEU C 195 18.54 12.39 -17.43
CA LEU C 195 19.61 12.54 -18.41
C LEU C 195 20.20 11.21 -18.84
N PHE C 196 20.20 10.21 -17.96
CA PHE C 196 20.95 8.98 -18.20
C PHE C 196 20.07 7.90 -18.83
N PHE C 197 18.98 7.53 -18.16
CA PHE C 197 18.14 6.42 -18.59
C PHE C 197 16.68 6.85 -18.66
N PRO C 198 16.34 7.73 -19.60
CA PRO C 198 14.96 8.20 -19.69
C PRO C 198 14.02 7.07 -20.10
N THR C 199 12.79 7.16 -19.62
CA THR C 199 11.76 6.17 -19.88
C THR C 199 10.66 6.76 -20.74
N THR C 200 9.86 5.88 -21.33
CA THR C 200 8.77 6.33 -22.19
C THR C 200 7.72 7.08 -21.37
N LEU C 201 7.04 8.01 -22.03
CA LEU C 201 6.12 8.92 -21.37
C LEU C 201 4.73 8.29 -21.34
N LEU C 202 4.28 7.88 -20.15
CA LEU C 202 2.92 7.43 -19.94
C LEU C 202 2.17 8.53 -19.22
N GLN C 203 1.05 8.96 -19.79
CA GLN C 203 0.38 10.16 -19.33
C GLN C 203 -1.10 9.86 -19.14
N PRO C 204 -1.70 10.34 -18.04
CA PRO C 204 -3.11 10.04 -17.78
C PRO C 204 -4.02 10.60 -18.87
N ALA C 205 -5.12 9.90 -19.10
CA ALA C 205 -6.05 10.32 -20.15
C ALA C 205 -6.65 11.67 -19.82
N SER C 206 -6.75 12.54 -20.83
CA SER C 206 -7.26 13.88 -20.65
C SER C 206 -8.45 14.19 -21.55
N ALA C 207 -8.97 13.21 -22.28
CA ALA C 207 -10.17 13.41 -23.09
C ALA C 207 -10.80 12.06 -23.39
N MET C 208 -12.06 12.09 -23.80
CA MET C 208 -12.77 10.85 -24.09
C MET C 208 -12.22 10.22 -25.36
N PRO C 209 -12.04 8.90 -25.38
CA PRO C 209 -11.57 8.24 -26.58
C PRO C 209 -12.58 8.33 -27.71
N ASN C 210 -12.08 8.41 -28.93
CA ASN C 210 -12.92 8.47 -30.12
C ASN C 210 -12.97 7.06 -30.71
N ILE C 211 -13.76 6.21 -30.09
CA ILE C 211 -13.87 4.82 -30.49
C ILE C 211 -15.00 4.69 -31.51
N THR C 212 -14.67 4.21 -32.71
CA THR C 212 -15.65 3.94 -33.75
C THR C 212 -15.83 2.43 -33.81
N TRP C 213 -16.98 1.95 -33.37
CA TRP C 213 -17.20 0.52 -33.21
C TRP C 213 -17.42 -0.20 -34.53
N SER C 214 -17.58 0.52 -35.64
CA SER C 214 -17.72 -0.14 -36.93
C SER C 214 -16.38 -0.50 -37.54
N GLU C 215 -15.28 -0.01 -36.99
CA GLU C 215 -13.95 -0.26 -37.52
C GLU C 215 -13.16 -1.25 -36.69
N VAL C 216 -13.80 -1.97 -35.77
CA VAL C 216 -13.10 -2.97 -34.99
C VAL C 216 -12.68 -4.11 -35.91
N GLN C 217 -11.40 -4.44 -35.88
CA GLN C 217 -10.85 -5.49 -36.72
C GLN C 217 -10.93 -6.79 -35.94
N VAL C 218 -11.95 -7.60 -36.24
CA VAL C 218 -12.11 -8.88 -35.54
C VAL C 218 -10.91 -9.78 -35.73
N PRO C 219 -10.28 -9.90 -36.90
CA PRO C 219 -9.02 -10.65 -36.96
C PRO C 219 -7.96 -10.13 -36.02
N LEU C 220 -7.80 -8.80 -35.93
CA LEU C 220 -6.85 -8.24 -34.97
C LEU C 220 -7.30 -8.48 -33.55
N LEU C 221 -8.61 -8.45 -33.32
CA LEU C 221 -9.15 -8.69 -31.98
C LEU C 221 -8.86 -10.13 -31.54
N LEU C 222 -8.94 -11.08 -32.47
CA LEU C 222 -8.55 -12.46 -32.18
C LEU C 222 -7.05 -12.57 -31.98
N ARG C 223 -6.27 -11.90 -32.82
CA ARG C 223 -4.82 -11.91 -32.68
C ARG C 223 -4.36 -11.24 -31.40
N ALA C 224 -5.24 -10.51 -30.72
CA ALA C 224 -4.94 -10.01 -29.39
C ALA C 224 -4.71 -11.12 -28.38
N ILE C 225 -5.08 -12.36 -28.70
CA ILE C 225 -4.84 -13.49 -27.81
C ILE C 225 -3.37 -13.91 -27.87
N PRO C 226 -2.81 -14.28 -29.03
CA PRO C 226 -1.37 -14.60 -29.04
C PRO C 226 -0.50 -13.44 -28.61
N VAL C 227 -0.81 -12.22 -29.06
CA VAL C 227 0.01 -11.09 -28.66
C VAL C 227 -0.20 -10.76 -27.19
N GLY C 228 -1.40 -11.01 -26.66
CA GLY C 228 -1.63 -10.84 -25.23
C GLY C 228 -0.83 -11.82 -24.41
N ILE C 229 -0.66 -13.04 -24.91
CA ILE C 229 0.20 -14.01 -24.23
C ILE C 229 1.65 -13.60 -24.32
N GLY C 230 2.09 -13.15 -25.50
CA GLY C 230 3.46 -12.72 -25.68
C GLY C 230 3.81 -11.43 -24.93
N GLN C 231 2.80 -10.65 -24.56
CA GLN C 231 3.02 -9.40 -23.83
C GLN C 231 3.39 -9.62 -22.38
N VAL C 232 3.33 -10.86 -21.88
CA VAL C 232 3.80 -11.13 -20.52
C VAL C 232 5.28 -10.74 -20.41
N TYR C 233 6.07 -11.05 -21.43
CA TYR C 233 7.47 -10.70 -21.47
C TYR C 233 7.72 -9.35 -22.12
N GLY C 234 6.68 -8.62 -22.49
CA GLY C 234 6.84 -7.32 -23.12
C GLY C 234 6.85 -7.34 -24.63
N CYS C 235 6.82 -8.51 -25.26
CA CYS C 235 6.92 -8.61 -26.71
C CYS C 235 5.55 -8.51 -27.36
N ASP C 236 5.44 -7.67 -28.37
CA ASP C 236 4.18 -7.41 -29.06
C ASP C 236 4.07 -8.11 -30.41
N ASN C 237 4.95 -9.03 -30.69
CA ASN C 237 4.98 -9.70 -31.99
C ASN C 237 4.14 -10.97 -31.92
N PRO C 238 3.12 -11.12 -32.78
CA PRO C 238 2.29 -12.32 -32.70
C PRO C 238 3.06 -13.62 -32.88
N TRP C 239 4.14 -13.62 -33.65
CA TRP C 239 4.99 -14.79 -33.75
C TRP C 239 5.62 -15.12 -32.40
N THR C 240 6.05 -14.09 -31.67
CA THR C 240 6.58 -14.30 -30.33
C THR C 240 5.54 -14.90 -29.40
N GLY C 241 4.30 -14.42 -29.47
CA GLY C 241 3.24 -15.00 -28.69
C GLY C 241 2.97 -16.45 -29.06
N GLY C 242 2.99 -16.76 -30.35
CA GLY C 242 2.80 -18.13 -30.77
C GLY C 242 3.90 -19.05 -30.29
N ILE C 243 5.14 -18.57 -30.31
CA ILE C 243 6.25 -19.38 -29.82
C ILE C 243 6.15 -19.58 -28.31
N PHE C 244 5.74 -18.54 -27.59
CA PHE C 244 5.49 -18.69 -26.15
C PHE C 244 4.40 -19.71 -25.89
N LEU C 245 3.36 -19.70 -26.73
CA LEU C 245 2.26 -20.65 -26.57
C LEU C 245 2.71 -22.08 -26.86
N ILE C 246 3.58 -22.26 -27.86
CA ILE C 246 4.17 -23.57 -28.11
C ILE C 246 5.00 -24.01 -26.92
N ALA C 247 5.77 -23.09 -26.34
CA ALA C 247 6.58 -23.41 -25.18
C ALA C 247 5.71 -23.85 -24.00
N LEU C 248 4.58 -23.17 -23.79
CA LEU C 248 3.65 -23.59 -22.76
C LEU C 248 3.06 -24.97 -23.06
N PHE C 249 2.65 -25.19 -24.31
CA PHE C 249 1.99 -26.43 -24.67
C PHE C 249 2.92 -27.63 -24.53
N ILE C 250 4.21 -27.44 -24.77
CA ILE C 250 5.17 -28.54 -24.64
C ILE C 250 5.19 -29.05 -23.21
N SER C 251 5.12 -28.15 -22.23
CA SER C 251 5.18 -28.55 -20.83
C SER C 251 3.83 -29.05 -20.33
N SER C 252 2.80 -28.22 -20.42
CA SER C 252 1.48 -28.62 -19.95
C SER C 252 0.39 -27.98 -20.80
N PRO C 253 -0.46 -28.79 -21.43
CA PRO C 253 -1.55 -28.20 -22.25
C PRO C 253 -2.52 -27.34 -21.47
N LEU C 254 -2.74 -27.65 -20.19
CA LEU C 254 -3.69 -26.86 -19.41
C LEU C 254 -3.20 -25.42 -19.25
N ILE C 255 -1.90 -25.22 -19.07
CA ILE C 255 -1.36 -23.87 -18.99
C ILE C 255 -1.58 -23.12 -20.29
N CYS C 256 -1.37 -23.79 -21.43
CA CYS C 256 -1.59 -23.16 -22.72
C CYS C 256 -3.05 -22.75 -22.90
N LEU C 257 -3.97 -23.66 -22.57
CA LEU C 257 -5.39 -23.35 -22.69
C LEU C 257 -5.79 -22.19 -21.79
N HIS C 258 -5.29 -22.20 -20.56
CA HIS C 258 -5.64 -21.14 -19.62
C HIS C 258 -5.04 -19.81 -20.03
N ALA C 259 -3.84 -19.82 -20.63
CA ALA C 259 -3.28 -18.57 -21.15
C ALA C 259 -4.11 -18.03 -22.31
N ALA C 260 -4.55 -18.92 -23.21
CA ALA C 260 -5.38 -18.47 -24.33
C ALA C 260 -6.69 -17.86 -23.83
N ILE C 261 -7.38 -18.56 -22.93
CA ILE C 261 -8.65 -18.03 -22.44
C ILE C 261 -8.44 -16.82 -21.53
N GLY C 262 -7.26 -16.69 -20.90
CA GLY C 262 -6.96 -15.48 -20.17
C GLY C 262 -6.82 -14.27 -21.08
N SER C 263 -6.11 -14.43 -22.21
CA SER C 263 -6.06 -13.37 -23.20
C SER C 263 -7.47 -13.02 -23.70
N THR C 264 -8.29 -14.05 -23.94
CA THR C 264 -9.65 -13.80 -24.41
C THR C 264 -10.45 -13.00 -23.38
N MET C 265 -10.34 -13.37 -22.10
CA MET C 265 -11.04 -12.65 -21.06
C MET C 265 -10.52 -11.21 -20.93
N GLY C 266 -9.22 -11.01 -21.09
CA GLY C 266 -8.67 -9.67 -21.02
C GLY C 266 -9.18 -8.78 -22.14
N MET C 267 -9.18 -9.29 -23.37
CA MET C 267 -9.69 -8.51 -24.49
C MET C 267 -11.19 -8.25 -24.34
N LEU C 268 -11.95 -9.24 -23.84
CA LEU C 268 -13.38 -9.03 -23.65
C LEU C 268 -13.65 -7.98 -22.57
N ALA C 269 -12.90 -8.01 -21.48
CA ALA C 269 -13.06 -6.99 -20.44
C ALA C 269 -12.70 -5.61 -20.97
N ALA C 270 -11.61 -5.51 -21.74
CA ALA C 270 -11.24 -4.25 -22.35
C ALA C 270 -12.35 -3.73 -23.27
N LEU C 271 -12.99 -4.64 -24.02
CA LEU C 271 -14.12 -4.23 -24.83
C LEU C 271 -15.28 -3.74 -23.97
N THR C 272 -15.52 -4.40 -22.83
CA THR C 272 -16.65 -4.01 -21.98
C THR C 272 -16.43 -2.66 -21.33
N ILE C 273 -15.19 -2.26 -21.06
CA ILE C 273 -14.97 -0.96 -20.42
C ILE C 273 -14.45 0.06 -21.41
N ALA C 274 -14.75 -0.14 -22.69
CA ALA C 274 -14.48 0.85 -23.75
C ALA C 274 -13.00 1.22 -23.82
N THR C 275 -12.14 0.22 -23.76
CA THR C 275 -10.70 0.46 -23.93
C THR C 275 -10.42 0.72 -25.41
N PRO C 276 -9.55 1.69 -25.73
CA PRO C 276 -9.23 1.96 -27.13
C PRO C 276 -8.67 0.72 -27.81
N PHE C 277 -9.03 0.56 -29.08
CA PHE C 277 -8.75 -0.68 -29.78
C PHE C 277 -7.26 -0.90 -29.99
N ASP C 278 -6.47 0.18 -30.02
CA ASP C 278 -5.04 0.03 -30.22
C ASP C 278 -4.39 -0.73 -29.07
N SER C 279 -4.82 -0.44 -27.84
CA SER C 279 -4.28 -1.16 -26.69
C SER C 279 -4.66 -2.64 -26.73
N ILE C 280 -5.89 -2.94 -27.16
CA ILE C 280 -6.31 -4.33 -27.27
C ILE C 280 -5.50 -5.07 -28.32
N TYR C 281 -5.35 -4.45 -29.51
CA TYR C 281 -4.60 -5.09 -30.58
C TYR C 281 -3.14 -5.29 -30.18
N PHE C 282 -2.58 -4.32 -29.48
CA PHE C 282 -1.20 -4.40 -29.01
C PHE C 282 -1.02 -5.52 -27.98
N GLY C 283 -2.10 -5.94 -27.33
CA GLY C 283 -2.02 -7.00 -26.35
C GLY C 283 -1.76 -6.56 -24.93
N LEU C 284 -1.87 -5.27 -24.64
CA LEU C 284 -1.59 -4.76 -23.30
C LEU C 284 -2.70 -5.05 -22.31
N CYS C 285 -3.86 -5.49 -22.76
CA CYS C 285 -5.00 -5.73 -21.89
C CYS C 285 -5.16 -7.20 -21.51
N GLY C 286 -4.21 -8.05 -21.87
CA GLY C 286 -4.41 -9.47 -21.65
C GLY C 286 -3.41 -10.17 -20.76
N PHE C 287 -2.16 -9.73 -20.72
CA PHE C 287 -1.11 -10.53 -20.13
C PHE C 287 -1.35 -10.81 -18.64
N ASN C 288 -1.85 -9.81 -17.92
CA ASN C 288 -2.22 -10.04 -16.53
C ASN C 288 -3.31 -11.10 -16.43
N SER C 289 -4.30 -11.04 -17.33
CA SER C 289 -5.36 -12.04 -17.32
C SER C 289 -4.83 -13.42 -17.68
N THR C 290 -3.93 -13.50 -18.66
CA THR C 290 -3.36 -14.80 -19.02
C THR C 290 -2.65 -15.41 -17.83
N LEU C 291 -1.79 -14.64 -17.18
CA LEU C 291 -1.05 -15.16 -16.04
C LEU C 291 -1.99 -15.55 -14.92
N ALA C 292 -3.01 -14.72 -14.64
CA ALA C 292 -3.95 -15.04 -13.57
C ALA C 292 -4.71 -16.33 -13.84
N CYS C 293 -5.14 -16.52 -15.09
CA CYS C 293 -5.84 -17.75 -15.45
C CYS C 293 -4.92 -18.95 -15.33
N ILE C 294 -3.64 -18.79 -15.69
CA ILE C 294 -2.69 -19.89 -15.51
C ILE C 294 -2.54 -20.22 -14.03
N ALA C 295 -2.39 -19.20 -13.20
CA ALA C 295 -2.08 -19.41 -11.78
C ALA C 295 -3.24 -20.04 -11.04
N ILE C 296 -4.43 -19.45 -11.15
CA ILE C 296 -5.56 -19.95 -10.37
C ILE C 296 -6.08 -21.25 -10.94
N GLY C 297 -6.18 -21.34 -12.27
CA GLY C 297 -6.76 -22.51 -12.90
C GLY C 297 -5.82 -23.66 -13.15
N GLY C 298 -5.47 -24.41 -12.11
CA GLY C 298 -4.72 -25.62 -12.31
C GLY C 298 -3.36 -25.64 -11.66
N MET C 299 -2.65 -24.52 -11.71
CA MET C 299 -1.29 -24.48 -11.18
C MET C 299 -1.29 -24.58 -9.66
N PHE C 300 -2.12 -23.80 -8.99
CA PHE C 300 -2.20 -23.82 -7.52
C PHE C 300 -3.47 -24.50 -7.03
N TYR C 301 -4.63 -24.04 -7.48
CA TYR C 301 -5.86 -24.80 -7.26
C TYR C 301 -5.84 -26.02 -8.16
N VAL C 302 -6.29 -27.16 -7.63
CA VAL C 302 -6.42 -28.34 -8.47
C VAL C 302 -7.45 -28.08 -9.55
N ILE C 303 -7.22 -28.65 -10.72
CA ILE C 303 -8.01 -28.30 -11.89
C ILE C 303 -9.34 -29.04 -11.87
N THR C 304 -10.42 -28.29 -11.73
CA THR C 304 -11.79 -28.79 -11.87
C THR C 304 -12.57 -27.75 -12.67
N TRP C 305 -13.85 -28.02 -12.92
CA TRP C 305 -14.67 -27.03 -13.60
C TRP C 305 -14.92 -25.81 -12.72
N GLN C 306 -14.96 -25.98 -11.40
CA GLN C 306 -15.16 -24.88 -10.47
C GLN C 306 -13.92 -24.07 -10.41
N THR C 307 -12.76 -24.68 -10.44
CA THR C 307 -11.51 -23.95 -10.51
C THR C 307 -11.32 -23.28 -11.87
N HIS C 308 -11.82 -23.91 -12.95
CA HIS C 308 -11.78 -23.26 -14.26
C HIS C 308 -12.61 -21.98 -14.26
N LEU C 309 -13.82 -22.03 -13.69
CA LEU C 309 -14.65 -20.83 -13.60
C LEU C 309 -13.98 -19.78 -12.71
N LEU C 310 -13.36 -20.22 -11.62
CA LEU C 310 -12.66 -19.29 -10.74
C LEU C 310 -11.48 -18.65 -11.46
N ALA C 311 -10.80 -19.40 -12.33
CA ALA C 311 -9.71 -18.84 -13.12
C ALA C 311 -10.21 -17.82 -14.13
N ILE C 312 -11.35 -18.08 -14.76
CA ILE C 312 -11.95 -17.10 -15.65
C ILE C 312 -12.33 -15.83 -14.89
N ALA C 313 -12.90 -16.01 -13.69
CA ALA C 313 -13.24 -14.86 -12.86
C ALA C 313 -12.00 -14.07 -12.45
N CYS C 314 -10.91 -14.79 -12.14
CA CYS C 314 -9.66 -14.12 -11.78
C CYS C 314 -9.08 -13.38 -12.97
N ALA C 315 -9.22 -13.94 -14.18
CA ALA C 315 -8.77 -13.23 -15.37
C ALA C 315 -9.55 -11.94 -15.56
N LEU C 316 -10.87 -11.99 -15.37
CA LEU C 316 -11.69 -10.79 -15.50
C LEU C 316 -11.31 -9.75 -14.44
N PHE C 317 -11.15 -10.20 -13.20
CA PHE C 317 -10.76 -9.29 -12.12
C PHE C 317 -9.40 -8.68 -12.38
N ALA C 318 -8.47 -9.48 -12.91
CA ALA C 318 -7.14 -8.98 -13.22
C ALA C 318 -7.16 -8.00 -14.37
N ALA C 319 -8.04 -8.21 -15.35
CA ALA C 319 -8.16 -7.25 -16.45
C ALA C 319 -8.72 -5.91 -15.97
N TYR C 320 -9.79 -5.96 -15.15
CA TYR C 320 -10.35 -4.72 -14.63
C TYR C 320 -9.36 -4.01 -13.72
N LEU C 321 -8.66 -4.76 -12.87
CA LEU C 321 -7.64 -4.16 -12.02
C LEU C 321 -6.47 -3.67 -12.84
N GLY C 322 -6.20 -4.28 -14.00
CA GLY C 322 -5.17 -3.77 -14.88
C GLY C 322 -5.53 -2.43 -15.47
N ALA C 323 -6.78 -2.27 -15.90
CA ALA C 323 -7.23 -0.95 -16.33
C ALA C 323 -7.14 0.06 -15.20
N ALA C 324 -7.56 -0.34 -14.00
CA ALA C 324 -7.52 0.56 -12.86
C ALA C 324 -6.09 0.99 -12.54
N LEU C 325 -5.15 0.04 -12.51
CA LEU C 325 -3.77 0.36 -12.17
C LEU C 325 -3.05 1.07 -13.29
N ALA C 326 -3.45 0.84 -14.54
CA ALA C 326 -2.90 1.64 -15.64
C ALA C 326 -3.36 3.09 -15.53
N ASN C 327 -4.63 3.31 -15.17
CA ASN C 327 -5.11 4.68 -15.04
C ASN C 327 -4.51 5.36 -13.81
N MET C 328 -4.31 4.61 -12.73
CA MET C 328 -3.71 5.18 -11.53
C MET C 328 -2.23 5.49 -11.73
N LEU C 329 -1.44 4.46 -12.02
CA LEU C 329 0.00 4.60 -12.14
C LEU C 329 0.41 5.48 -13.31
N SER C 330 -0.50 5.76 -14.24
CA SER C 330 -0.17 6.67 -15.34
C SER C 330 0.04 8.09 -14.84
N VAL C 331 -0.49 8.43 -13.67
CA VAL C 331 -0.20 9.74 -13.08
C VAL C 331 1.28 9.86 -12.77
N PHE C 332 1.87 8.81 -12.20
CA PHE C 332 3.31 8.78 -11.93
C PHE C 332 4.14 8.58 -13.19
N GLY C 333 3.51 8.27 -14.32
CA GLY C 333 4.25 7.85 -15.49
C GLY C 333 4.71 6.41 -15.44
N LEU C 334 3.96 5.55 -14.75
CA LEU C 334 4.33 4.17 -14.54
C LEU C 334 3.35 3.23 -15.26
N PRO C 335 3.82 2.06 -15.69
CA PRO C 335 2.91 1.09 -16.30
C PRO C 335 2.37 0.13 -15.26
N PRO C 336 1.29 -0.59 -15.57
CA PRO C 336 0.77 -1.63 -14.67
C PRO C 336 1.48 -2.96 -14.87
N CYS C 337 2.78 -2.96 -14.57
CA CYS C 337 3.66 -4.07 -14.88
C CYS C 337 3.40 -5.22 -13.92
N THR C 338 2.48 -6.13 -14.31
CA THR C 338 2.16 -7.33 -13.50
C THR C 338 1.63 -7.12 -12.08
N TRP C 339 1.20 -5.89 -11.77
CA TRP C 339 0.58 -5.63 -10.48
C TRP C 339 -0.81 -6.27 -10.41
N PRO C 340 -1.66 -6.12 -11.45
CA PRO C 340 -2.97 -6.79 -11.40
C PRO C 340 -2.87 -8.29 -11.20
N PHE C 341 -1.86 -8.90 -11.81
CA PHE C 341 -1.67 -10.31 -11.59
C PHE C 341 -1.41 -10.60 -10.11
N CYS C 342 -0.44 -9.92 -9.49
CA CYS C 342 -0.11 -10.25 -8.11
C CYS C 342 -1.32 -10.04 -7.21
N LEU C 343 -1.99 -8.90 -7.37
CA LEU C 343 -3.12 -8.59 -6.49
C LEU C 343 -4.27 -9.57 -6.69
N SER C 344 -4.65 -9.86 -7.95
CA SER C 344 -5.79 -10.72 -8.22
C SER C 344 -5.49 -12.18 -7.86
N ALA C 345 -4.31 -12.68 -8.23
CA ALA C 345 -3.95 -14.05 -7.90
C ALA C 345 -3.86 -14.24 -6.39
N LEU C 346 -3.35 -13.24 -5.67
CA LEU C 346 -3.27 -13.36 -4.22
C LEU C 346 -4.65 -13.28 -3.58
N THR C 347 -5.53 -12.43 -4.09
CA THR C 347 -6.86 -12.33 -3.51
C THR C 347 -7.75 -13.51 -3.89
N PHE C 348 -7.38 -14.28 -4.91
CA PHE C 348 -8.11 -15.50 -5.22
C PHE C 348 -7.49 -16.74 -4.60
N LEU C 349 -6.19 -16.70 -4.28
CA LEU C 349 -5.58 -17.80 -3.53
C LEU C 349 -5.94 -17.72 -2.05
N LEU C 350 -6.04 -16.51 -1.51
CA LEU C 350 -6.48 -16.34 -0.13
C LEU C 350 -7.96 -16.67 0.06
N LEU C 351 -8.72 -16.78 -1.03
CA LEU C 351 -10.13 -17.14 -0.93
C LEU C 351 -10.29 -18.49 -0.26
N THR C 352 -11.19 -18.54 0.72
CA THR C 352 -11.50 -19.77 1.45
C THR C 352 -12.97 -20.10 1.24
N THR C 353 -13.23 -21.28 0.70
CA THR C 353 -14.57 -21.73 0.40
C THR C 353 -14.82 -23.09 1.04
N ASN C 354 -16.07 -23.33 1.41
CA ASN C 354 -16.48 -24.63 1.94
C ASN C 354 -16.74 -25.63 0.83
N ASN C 355 -16.27 -25.36 -0.38
CA ASN C 355 -16.45 -26.26 -1.51
C ASN C 355 -15.27 -27.19 -1.61
N PRO C 356 -15.46 -28.50 -1.47
CA PRO C 356 -14.32 -29.42 -1.56
C PRO C 356 -13.66 -29.45 -2.94
N ALA C 357 -14.36 -29.01 -3.99
CA ALA C 357 -13.76 -29.01 -5.32
C ALA C 357 -12.74 -27.89 -5.48
N ILE C 358 -12.93 -26.78 -4.78
CA ILE C 358 -11.97 -25.67 -4.81
C ILE C 358 -10.94 -25.97 -3.72
N TYR C 359 -9.88 -26.66 -4.11
CA TYR C 359 -8.84 -27.08 -3.19
C TYR C 359 -7.53 -26.42 -3.57
N LYS C 360 -6.85 -25.86 -2.58
CA LYS C 360 -5.59 -25.16 -2.79
C LYS C 360 -4.43 -26.07 -2.38
N LEU C 361 -3.55 -26.35 -3.33
CA LEU C 361 -2.43 -27.24 -3.06
C LEU C 361 -1.36 -26.53 -2.25
N PRO C 362 -0.65 -27.26 -1.39
CA PRO C 362 0.53 -26.68 -0.74
C PRO C 362 1.58 -26.32 -1.77
N LEU C 363 2.26 -25.20 -1.55
CA LEU C 363 3.28 -24.77 -2.48
C LEU C 363 4.41 -25.78 -2.58
N SER C 364 4.66 -26.54 -1.52
CA SER C 364 5.74 -27.51 -1.55
C SER C 364 5.46 -28.66 -2.51
N LYS C 365 4.21 -28.82 -2.95
CA LYS C 365 3.84 -29.93 -3.82
C LYS C 365 3.10 -29.42 -5.06
N VAL C 366 3.53 -28.28 -5.59
CA VAL C 366 2.92 -27.67 -6.75
C VAL C 366 3.83 -27.90 -7.96
N THR C 367 3.22 -28.32 -9.06
CA THR C 367 3.89 -28.61 -10.31
C THR C 367 2.89 -28.25 -11.40
N TYR C 368 3.09 -28.74 -12.62
CA TYR C 368 2.15 -28.43 -13.68
CA TYR C 368 2.12 -28.38 -13.62
C TYR C 368 0.78 -29.03 -13.37
N PRO C 369 -0.31 -28.42 -13.86
CA PRO C 369 -1.65 -28.79 -13.39
C PRO C 369 -2.00 -30.26 -13.53
N GLU C 370 -1.53 -30.94 -14.57
CA GLU C 370 -1.83 -32.37 -14.72
C GLU C 370 -1.24 -33.17 -13.56
N ALA C 371 0.03 -32.90 -13.22
CA ALA C 371 0.63 -33.56 -12.08
C ALA C 371 -0.03 -33.15 -10.78
N ASN C 372 -0.50 -31.90 -10.69
CA ASN C 372 -1.24 -31.46 -9.51
C ASN C 372 -2.50 -32.29 -9.31
N ARG C 373 -3.27 -32.51 -10.37
CA ARG C 373 -4.49 -33.29 -10.23
C ARG C 373 -4.19 -34.75 -9.94
N ILE C 374 -3.15 -35.31 -10.57
CA ILE C 374 -2.79 -36.70 -10.29
C ILE C 374 -2.39 -36.86 -8.82
N TYR C 375 -1.59 -35.93 -8.32
CA TYR C 375 -1.19 -35.96 -6.91
C TYR C 375 -2.40 -35.83 -6.00
N TYR C 376 -3.32 -34.92 -6.32
CA TYR C 376 -4.47 -34.72 -5.46
C TYR C 376 -5.41 -35.92 -5.47
N LEU C 377 -5.60 -36.56 -6.63
CA LEU C 377 -6.44 -37.74 -6.67
C LEU C 377 -5.79 -38.91 -5.97
N SER C 378 -4.46 -39.02 -6.05
CA SER C 378 -3.76 -40.04 -5.29
C SER C 378 -3.77 -39.71 -3.81
N GLN C 379 -3.88 -38.44 -3.45
CA GLN C 379 -3.95 -37.99 -2.06
C GLN C 379 -2.74 -38.43 -1.25
#